data_8Q0N
#
_entry.id   8Q0N
#
_cell.length_a   1.00
_cell.length_b   1.00
_cell.length_c   1.00
_cell.angle_alpha   90.00
_cell.angle_beta   90.00
_cell.angle_gamma   90.00
#
_symmetry.space_group_name_H-M   'P 1'
#
loop_
_entity.id
_entity.type
_entity.pdbx_description
1 polymer 'E3 ubiquitin-protein ligase HACE1'
2 polymer 'Ras-related C3 botulinum toxin substrate 1'
3 non-polymer 'iodoacetic acid'
4 non-polymer "GUANOSINE-5'-TRIPHOSPHATE"
#
loop_
_entity_poly.entity_id
_entity_poly.type
_entity_poly.pdbx_seq_one_letter_code
_entity_poly.pdbx_strand_id
1 'polypeptide(L)'
;GELPEDNETAVYTLMPMVMADQHRSVSELLSNSKFDVNYAFGRVKRSLLHIAANCGSVECLVLLLKKGANPNYQDISGCT
PLHLAARNGQKKCMSKLLEYSADVNICNNEGLTAIHWLAVNGRTELLHDLVQHVSDVDVEDAMGQTALHVACQNGHKTTV
QCLLDSGADINRPNVSGATPLYFACSHGQRDTAQILLLRGAKYLPDKNGVTPLDLCVQGGYGETCEVLIQYHPRLFQTII
QMTQNEDLRENMLRQVLEHLSQQSESQYLKILTSLAEVATTNGHKLLSLSSNYDAQMKSLLRIVRMFCHVFRIGPSSPSN
GIDMGYNGNKTPRSQVFKPLELLWHSLDEWLVLIATELMKNKRDSTEITSILLKQKGQDQDAASIPPFEPPGPGSYENLS
TGTRESKPDALAGRQEASADCQDVISMTANRLSAVIQAFYMCCSCQMPPGMTSPRFIEFVCKHDEVLKCFVNRNPKIIFD
HFHFLLECPELMSRFMHIIKAQPFKDRCEWFYEHLHSGQPDSDMVHRPVNENDILLVHRDSIFRSSCEVVSKANCAKLKQ
GIAVRFHGEEGMGQGVVREWFDILSNEIVNPDYALFTQSADGTTFQPNSNSYVNPDHLNYFRFAGQILGLALNHRQLVNI
YFTRSFYKHILGIPVNYQDVASIDPEYAKNLQWILDNDISDLGLELTFSVETDVFGAMEEVPLKPGGGSILVTQNNKAEY
VQLVTELRMTRAIQPQINAFLQGFHMFIPPSLIQLFDEYELELLLSGMPEIDVSDWIKNTEYTSGYEREDPVIQWFWEVV
EDITQEERVLLLQFVTGSSRVPHGGFANIMGGSGLQNFTIAAVPYTPNLLPTSSTCINMLKLPEYPSKEILKDRLLVALH
CGSYGYTMA
;
B
2 'polypeptide(L)'
;MGSSHHHHHHSSGLEVLFQGPMQAIKCVVVGDGAVGKTCLLISYTTNAFPGEYIPTVFDNYSANVMVDGKPVNLGLWDTA
GLEDYDRLRPLSYPQTDVFLICFSLVSPASFENVRAKWYPEVRHHCPNTPIILVGTKLDLRDDKDTIEKLKEKKLTPITY
PQGLAMAKEIGAVKYLECSALTQRGLKTVFDEAIRAVLCPPPVKKRKRKCLLL
;
C
#
# COMPACT_ATOMS: atom_id res chain seq x y z
N GLU A 2 -37.08 47.11 -12.41
CA GLU A 2 -35.84 47.62 -13.06
C GLU A 2 -34.67 47.59 -12.07
N LEU A 3 -33.46 47.79 -12.59
CA LEU A 3 -32.29 47.77 -11.73
C LEU A 3 -32.31 48.98 -10.79
N PRO A 4 -31.85 48.83 -9.55
CA PRO A 4 -31.75 49.99 -8.66
C PRO A 4 -30.60 50.89 -9.07
N GLU A 5 -30.63 52.11 -8.53
CA GLU A 5 -29.55 53.06 -8.81
C GLU A 5 -28.21 52.54 -8.29
N ASP A 6 -28.23 51.69 -7.27
CA ASP A 6 -27.01 51.13 -6.71
C ASP A 6 -26.45 50.07 -7.65
N ASN A 7 -25.15 50.19 -7.96
CA ASN A 7 -24.52 49.24 -8.88
C ASN A 7 -24.44 47.85 -8.27
N GLU A 8 -24.16 47.75 -6.96
CA GLU A 8 -24.00 46.45 -6.34
C GLU A 8 -25.27 45.61 -6.48
N THR A 9 -26.44 46.23 -6.23
CA THR A 9 -27.69 45.52 -6.46
C THR A 9 -27.91 45.26 -7.96
N ALA A 10 -27.48 46.19 -8.80
CA ALA A 10 -27.69 46.05 -10.24
C ALA A 10 -26.98 44.82 -10.78
N VAL A 11 -25.70 44.65 -10.44
CA VAL A 11 -24.94 43.51 -10.95
C VAL A 11 -25.48 42.21 -10.37
N TYR A 12 -25.84 42.21 -9.08
CA TYR A 12 -26.46 41.03 -8.49
C TYR A 12 -27.74 40.66 -9.22
N THR A 13 -28.47 41.63 -9.76
CA THR A 13 -29.63 41.34 -10.60
C THR A 13 -29.22 40.93 -12.01
N LEU A 14 -28.22 41.61 -12.59
CA LEU A 14 -27.79 41.27 -13.95
C LEU A 14 -27.07 39.93 -13.99
N MET A 15 -26.31 39.62 -12.94
CA MET A 15 -25.50 38.41 -12.95
C MET A 15 -26.31 37.14 -13.18
N PRO A 16 -27.47 36.93 -12.56
CA PRO A 16 -28.24 35.71 -12.86
C PRO A 16 -28.83 35.66 -14.27
N MET A 17 -29.26 36.78 -14.84
CA MET A 17 -29.87 36.70 -16.17
C MET A 17 -28.85 36.39 -17.26
N VAL A 18 -27.60 36.81 -17.12
CA VAL A 18 -26.66 36.67 -18.23
C VAL A 18 -26.47 35.20 -18.59
N MET A 19 -26.47 34.31 -17.59
CA MET A 19 -26.43 32.88 -17.89
C MET A 19 -27.68 32.44 -18.65
N ALA A 20 -28.85 32.89 -18.21
CA ALA A 20 -30.09 32.50 -18.87
C ALA A 20 -30.17 33.01 -20.31
N ASP A 21 -29.41 34.07 -20.63
CA ASP A 21 -29.37 34.63 -21.98
C ASP A 21 -30.76 35.07 -22.43
N GLN A 22 -31.33 36.00 -21.66
CA GLN A 22 -32.56 36.70 -22.05
C GLN A 22 -32.12 37.92 -22.85
N HIS A 23 -31.99 37.74 -24.17
CA HIS A 23 -31.48 38.82 -25.01
C HIS A 23 -32.37 40.05 -24.92
N ARG A 24 -33.69 39.86 -24.95
CA ARG A 24 -34.59 41.02 -24.87
C ARG A 24 -34.57 41.64 -23.47
N SER A 25 -34.64 40.82 -22.42
CA SER A 25 -34.83 41.35 -21.08
C SER A 25 -33.71 42.29 -20.68
N VAL A 26 -32.46 41.90 -20.94
CA VAL A 26 -31.33 42.75 -20.57
C VAL A 26 -31.35 44.04 -21.37
N SER A 27 -31.86 44.00 -22.61
CA SER A 27 -31.81 45.18 -23.47
C SER A 27 -32.49 46.38 -22.82
N GLU A 28 -33.72 46.19 -22.31
CA GLU A 28 -34.42 47.31 -21.68
C GLU A 28 -33.67 47.78 -20.44
N LEU A 29 -33.20 46.84 -19.61
CA LEU A 29 -32.48 47.23 -18.40
C LEU A 29 -31.19 47.97 -18.74
N LEU A 30 -30.45 47.49 -19.73
CA LEU A 30 -29.24 48.18 -20.16
C LEU A 30 -29.56 49.57 -20.70
N SER A 31 -30.61 49.69 -21.51
CA SER A 31 -30.92 50.96 -22.14
C SER A 31 -31.46 51.98 -21.15
N ASN A 32 -32.35 51.55 -20.25
CA ASN A 32 -33.07 52.46 -19.36
C ASN A 32 -32.43 52.56 -17.99
N SER A 33 -31.16 52.21 -17.84
CA SER A 33 -30.46 52.30 -16.57
C SER A 33 -29.09 52.95 -16.79
N LYS A 34 -28.60 53.62 -15.75
CA LYS A 34 -27.36 54.37 -15.82
C LYS A 34 -26.16 53.62 -15.28
N PHE A 35 -26.31 52.34 -14.92
CA PHE A 35 -25.19 51.60 -14.35
C PHE A 35 -24.07 51.46 -15.38
N ASP A 36 -22.84 51.48 -14.88
CA ASP A 36 -21.66 51.38 -15.74
C ASP A 36 -21.29 49.91 -15.90
N VAL A 37 -21.19 49.46 -17.15
CA VAL A 37 -20.82 48.07 -17.42
C VAL A 37 -19.38 47.81 -16.98
N ASN A 38 -18.50 48.78 -17.18
CA ASN A 38 -17.08 48.61 -16.84
C ASN A 38 -16.83 48.55 -15.34
N TYR A 39 -17.83 48.85 -14.51
CA TYR A 39 -17.64 48.86 -13.07
C TYR A 39 -17.15 47.49 -12.59
N ALA A 40 -16.15 47.51 -11.72
CA ALA A 40 -15.60 46.29 -11.12
C ALA A 40 -16.25 46.07 -9.76
N PHE A 41 -16.68 44.84 -9.51
CA PHE A 41 -17.38 44.48 -8.27
C PHE A 41 -16.62 43.40 -7.54
N GLY A 42 -16.60 43.48 -6.22
CA GLY A 42 -15.97 42.48 -5.39
C GLY A 42 -14.48 42.72 -5.21
N ARG A 43 -13.90 41.92 -4.32
CA ARG A 43 -12.46 42.00 -4.08
C ARG A 43 -11.67 41.66 -5.33
N VAL A 44 -12.11 40.64 -6.07
CA VAL A 44 -11.45 40.26 -7.32
C VAL A 44 -11.54 41.38 -8.34
N LYS A 45 -12.51 42.29 -8.20
CA LYS A 45 -12.67 43.42 -9.12
C LYS A 45 -12.86 42.95 -10.56
N ARG A 46 -13.61 41.87 -10.73
CA ARG A 46 -13.90 41.37 -12.07
C ARG A 46 -15.07 42.12 -12.68
N SER A 47 -14.89 42.62 -13.89
CA SER A 47 -15.95 43.34 -14.59
C SER A 47 -17.06 42.38 -15.02
N LEU A 48 -18.25 42.94 -15.23
CA LEU A 48 -19.38 42.14 -15.68
C LEU A 48 -19.08 41.46 -17.02
N LEU A 49 -18.25 42.07 -17.85
CA LEU A 49 -17.92 41.47 -19.13
C LEU A 49 -17.21 40.13 -18.96
N HIS A 50 -16.40 39.99 -17.91
CA HIS A 50 -15.70 38.73 -17.68
C HIS A 50 -16.70 37.59 -17.47
N ILE A 51 -17.73 37.81 -16.67
CA ILE A 51 -18.72 36.77 -16.42
C ILE A 51 -19.47 36.43 -17.69
N ALA A 52 -19.88 37.44 -18.45
CA ALA A 52 -20.59 37.20 -19.70
C ALA A 52 -19.71 36.45 -20.70
N ALA A 53 -18.45 36.86 -20.82
CA ALA A 53 -17.55 36.20 -21.77
C ALA A 53 -17.32 34.74 -21.39
N ASN A 54 -17.20 34.46 -20.09
CA ASN A 54 -16.93 33.09 -19.65
C ASN A 54 -18.00 32.14 -20.13
N CYS A 55 -19.27 32.52 -19.99
CA CYS A 55 -20.38 31.69 -20.38
C CYS A 55 -20.69 31.86 -21.87
N GLY A 56 -21.60 31.02 -22.36
CA GLY A 56 -21.95 30.99 -23.76
C GLY A 56 -23.04 31.96 -24.18
N SER A 57 -23.43 32.88 -23.31
CA SER A 57 -24.47 33.87 -23.63
C SER A 57 -23.87 34.91 -24.56
N VAL A 58 -23.83 34.57 -25.85
CA VAL A 58 -23.21 35.45 -26.84
C VAL A 58 -23.94 36.78 -26.91
N GLU A 59 -25.27 36.76 -26.75
CA GLU A 59 -26.04 37.98 -26.94
C GLU A 59 -25.61 39.08 -25.98
N CYS A 60 -25.40 38.73 -24.71
CA CYS A 60 -25.05 39.76 -23.73
C CYS A 60 -23.72 40.42 -24.06
N LEU A 61 -22.81 39.69 -24.70
CA LEU A 61 -21.52 40.27 -25.07
C LEU A 61 -21.72 41.47 -25.98
N VAL A 62 -22.50 41.32 -27.05
CA VAL A 62 -22.63 42.38 -28.04
C VAL A 62 -23.37 43.59 -27.45
N LEU A 63 -24.40 43.34 -26.62
CA LEU A 63 -25.06 44.45 -25.95
C LEU A 63 -24.11 45.17 -25.01
N LEU A 64 -23.33 44.43 -24.22
CA LEU A 64 -22.39 45.07 -23.29
C LEU A 64 -21.32 45.86 -24.05
N LEU A 65 -20.76 45.26 -25.11
CA LEU A 65 -19.73 45.96 -25.86
C LEU A 65 -20.27 47.22 -26.52
N LYS A 66 -21.49 47.16 -27.07
CA LYS A 66 -22.08 48.35 -27.68
C LYS A 66 -22.37 49.42 -26.65
N LYS A 67 -22.46 49.08 -25.38
CA LYS A 67 -22.67 50.05 -24.31
C LYS A 67 -21.38 50.71 -23.84
N GLY A 68 -20.23 50.33 -24.40
CA GLY A 68 -18.96 50.88 -24.00
C GLY A 68 -18.08 49.95 -23.19
N ALA A 69 -18.50 48.70 -22.98
CA ALA A 69 -17.67 47.75 -22.26
C ALA A 69 -16.35 47.55 -22.98
N ASN A 70 -15.25 47.57 -22.22
CA ASN A 70 -13.91 47.48 -22.79
C ASN A 70 -13.50 46.01 -22.89
N PRO A 71 -13.31 45.47 -24.08
CA PRO A 71 -12.84 44.07 -24.18
C PRO A 71 -11.39 43.90 -23.76
N ASN A 72 -10.61 44.97 -23.69
CA ASN A 72 -9.20 44.90 -23.31
C ASN A 72 -9.00 44.98 -21.80
N TYR A 73 -10.07 45.22 -21.03
CA TYR A 73 -9.92 45.39 -19.60
C TYR A 73 -9.37 44.12 -18.96
N GLN A 74 -8.47 44.30 -17.99
CA GLN A 74 -7.87 43.21 -17.25
C GLN A 74 -8.12 43.40 -15.76
N ASP A 75 -8.43 42.30 -15.08
CA ASP A 75 -8.71 42.33 -13.64
C ASP A 75 -7.38 42.32 -12.88
N ILE A 76 -7.46 42.14 -11.55
CA ILE A 76 -6.24 42.09 -10.75
C ILE A 76 -5.36 40.93 -11.18
N SER A 77 -5.97 39.80 -11.54
CA SER A 77 -5.21 38.66 -12.03
C SER A 77 -4.60 38.92 -13.39
N GLY A 78 -5.04 39.97 -14.09
CA GLY A 78 -4.54 40.28 -15.41
C GLY A 78 -5.22 39.55 -16.54
N CYS A 79 -6.17 38.67 -16.25
CA CYS A 79 -6.88 37.94 -17.29
C CYS A 79 -8.00 38.81 -17.85
N THR A 80 -8.06 38.90 -19.16
CA THR A 80 -9.03 39.70 -19.88
C THR A 80 -10.17 38.82 -20.39
N PRO A 81 -11.22 39.41 -20.96
CA PRO A 81 -12.30 38.58 -21.52
C PRO A 81 -11.81 37.61 -22.57
N LEU A 82 -10.70 37.89 -23.24
CA LEU A 82 -10.15 36.96 -24.21
C LEU A 82 -9.83 35.62 -23.56
N HIS A 83 -9.20 35.66 -22.37
CA HIS A 83 -8.75 34.44 -21.72
C HIS A 83 -9.92 33.55 -21.33
N LEU A 84 -10.92 34.12 -20.64
CA LEU A 84 -12.04 33.31 -20.18
C LEU A 84 -12.80 32.70 -21.35
N ALA A 85 -13.05 33.49 -22.40
CA ALA A 85 -13.70 32.94 -23.59
C ALA A 85 -12.79 31.96 -24.31
N ALA A 86 -11.48 32.21 -24.30
CA ALA A 86 -10.55 31.30 -24.98
C ALA A 86 -10.57 29.91 -24.36
N ARG A 87 -10.63 29.83 -23.03
CA ARG A 87 -10.60 28.53 -22.36
C ARG A 87 -11.79 27.67 -22.79
N ASN A 88 -12.99 28.27 -22.82
CA ASN A 88 -14.19 27.54 -23.18
C ASN A 88 -14.33 27.34 -24.69
N GLY A 89 -13.51 28.00 -25.50
CA GLY A 89 -13.53 27.81 -26.94
C GLY A 89 -14.84 28.18 -27.58
N GLN A 90 -15.39 29.33 -27.22
CA GLN A 90 -16.64 29.82 -27.79
C GLN A 90 -16.28 30.60 -29.06
N LYS A 91 -16.44 29.93 -30.21
CA LYS A 91 -16.05 30.55 -31.48
C LYS A 91 -16.88 31.79 -31.76
N LYS A 92 -18.16 31.77 -31.39
CA LYS A 92 -18.99 32.96 -31.56
C LYS A 92 -18.44 34.14 -30.76
N CYS A 93 -18.05 33.89 -29.52
CA CYS A 93 -17.49 34.96 -28.70
C CYS A 93 -16.21 35.51 -29.31
N MET A 94 -15.35 34.64 -29.82
CA MET A 94 -14.10 35.09 -30.43
C MET A 94 -14.38 36.00 -31.62
N SER A 95 -15.30 35.60 -32.49
CA SER A 95 -15.58 36.39 -33.69
C SER A 95 -16.10 37.78 -33.31
N LYS A 96 -17.03 37.85 -32.36
CA LYS A 96 -17.59 39.14 -31.97
C LYS A 96 -16.58 39.97 -31.18
N LEU A 97 -15.73 39.33 -30.38
CA LEU A 97 -14.70 40.07 -29.66
C LEU A 97 -13.76 40.75 -30.63
N LEU A 98 -13.28 40.01 -31.64
CA LEU A 98 -12.38 40.59 -32.63
C LEU A 98 -13.08 41.69 -33.44
N GLU A 99 -14.36 41.49 -33.75
CA GLU A 99 -15.09 42.46 -34.56
C GLU A 99 -15.04 43.85 -33.95
N TYR A 100 -15.05 43.94 -32.62
CA TYR A 100 -15.18 45.22 -31.92
C TYR A 100 -13.89 45.61 -31.20
N SER A 101 -12.74 45.37 -31.86
CA SER A 101 -11.46 45.91 -31.43
C SER A 101 -10.86 45.19 -30.23
N ALA A 102 -11.11 43.89 -30.11
CA ALA A 102 -10.44 43.11 -29.07
C ALA A 102 -9.10 42.61 -29.59
N ASP A 103 -8.04 42.91 -28.87
CA ASP A 103 -6.68 42.55 -29.27
C ASP A 103 -6.24 41.31 -28.51
N VAL A 104 -5.54 40.40 -29.22
CA VAL A 104 -5.20 39.10 -28.66
C VAL A 104 -3.82 39.05 -28.03
N ASN A 105 -2.99 40.08 -28.22
CA ASN A 105 -1.61 40.04 -27.75
C ASN A 105 -1.44 40.40 -26.28
N ILE A 106 -2.51 40.80 -25.59
CA ILE A 106 -2.39 41.15 -24.17
C ILE A 106 -2.07 39.90 -23.36
N CYS A 107 -1.29 40.09 -22.28
CA CYS A 107 -0.85 39.00 -21.44
C CYS A 107 -1.21 39.28 -19.99
N ASN A 108 -1.35 38.22 -19.21
CA ASN A 108 -1.69 38.34 -17.79
C ASN A 108 -0.43 38.62 -16.98
N ASN A 109 -0.55 38.54 -15.65
CA ASN A 109 0.60 38.81 -14.79
C ASN A 109 1.72 37.81 -15.04
N GLU A 110 1.38 36.53 -15.20
CA GLU A 110 2.37 35.49 -15.41
C GLU A 110 2.79 35.34 -16.86
N GLY A 111 2.22 36.13 -17.76
CA GLY A 111 2.57 36.07 -19.17
C GLY A 111 1.69 35.18 -20.02
N LEU A 112 0.77 34.43 -19.40
CA LEU A 112 -0.14 33.60 -20.18
C LEU A 112 -1.02 34.47 -21.06
N THR A 113 -1.14 34.09 -22.33
CA THR A 113 -1.93 34.81 -23.32
C THR A 113 -2.99 33.88 -23.90
N ALA A 114 -3.71 34.39 -24.91
CA ALA A 114 -4.77 33.60 -25.52
C ALA A 114 -4.22 32.34 -26.16
N ILE A 115 -3.05 32.42 -26.79
CA ILE A 115 -2.48 31.26 -27.46
C ILE A 115 -2.18 30.15 -26.44
N HIS A 116 -1.71 30.53 -25.25
CA HIS A 116 -1.35 29.53 -24.24
C HIS A 116 -2.58 28.78 -23.77
N TRP A 117 -3.63 29.51 -23.37
CA TRP A 117 -4.88 28.84 -22.98
C TRP A 117 -5.45 28.04 -24.14
N LEU A 118 -5.43 28.62 -25.34
CA LEU A 118 -5.92 27.91 -26.51
C LEU A 118 -5.09 26.67 -26.79
N ALA A 119 -3.77 26.78 -26.64
CA ALA A 119 -2.90 25.63 -26.85
C ALA A 119 -3.18 24.51 -25.85
N VAL A 120 -3.41 24.88 -24.58
CA VAL A 120 -3.64 23.87 -23.54
C VAL A 120 -4.87 23.03 -23.89
N ASN A 121 -5.96 23.68 -24.30
CA ASN A 121 -7.17 22.96 -24.67
C ASN A 121 -7.07 22.32 -26.05
N GLY A 122 -6.11 22.77 -26.87
CA GLY A 122 -5.89 22.16 -28.17
C GLY A 122 -7.03 22.32 -29.15
N ARG A 123 -7.63 23.51 -29.23
CA ARG A 123 -8.65 23.81 -30.22
C ARG A 123 -7.94 24.32 -31.48
N THR A 124 -7.56 23.38 -32.34
CA THR A 124 -6.77 23.73 -33.52
C THR A 124 -7.54 24.62 -34.48
N GLU A 125 -8.86 24.41 -34.59
CA GLU A 125 -9.65 25.22 -35.50
C GLU A 125 -9.54 26.69 -35.16
N LEU A 126 -9.65 27.03 -33.87
CA LEU A 126 -9.45 28.41 -33.46
C LEU A 126 -8.01 28.86 -33.68
N LEU A 127 -7.04 27.96 -33.47
CA LEU A 127 -5.65 28.31 -33.68
C LEU A 127 -5.39 28.74 -35.12
N HIS A 128 -6.06 28.11 -36.08
CA HIS A 128 -5.83 28.43 -37.48
C HIS A 128 -6.03 29.91 -37.75
N ASP A 129 -7.16 30.46 -37.30
CA ASP A 129 -7.44 31.88 -37.51
C ASP A 129 -6.64 32.76 -36.56
N LEU A 130 -6.46 32.32 -35.30
CA LEU A 130 -5.83 33.18 -34.31
C LEU A 130 -4.39 33.50 -34.68
N VAL A 131 -3.63 32.51 -35.15
CA VAL A 131 -2.22 32.75 -35.45
C VAL A 131 -2.07 33.82 -36.52
N GLN A 132 -2.98 33.85 -37.49
CA GLN A 132 -2.93 34.90 -38.50
C GLN A 132 -3.00 36.29 -37.88
N HIS A 133 -3.67 36.42 -36.74
CA HIS A 133 -3.78 37.70 -36.05
C HIS A 133 -2.68 37.90 -35.01
N VAL A 134 -2.21 36.83 -34.38
CA VAL A 134 -1.19 36.96 -33.35
C VAL A 134 0.11 37.45 -33.96
N SER A 135 0.73 38.42 -33.30
CA SER A 135 1.99 38.98 -33.80
C SER A 135 3.12 37.96 -33.70
N ASP A 136 3.27 37.32 -32.54
CA ASP A 136 4.34 36.37 -32.29
C ASP A 136 3.76 35.11 -31.66
N VAL A 137 4.22 33.95 -32.16
CA VAL A 137 3.74 32.66 -31.66
C VAL A 137 4.68 32.05 -30.63
N ASP A 138 5.89 32.57 -30.48
CA ASP A 138 6.88 32.04 -29.54
C ASP A 138 7.01 32.91 -28.30
N VAL A 139 5.90 33.49 -27.83
CA VAL A 139 5.96 34.35 -26.65
C VAL A 139 6.28 33.50 -25.43
N GLU A 140 7.28 33.93 -24.67
CA GLU A 140 7.71 33.22 -23.46
C GLU A 140 7.02 33.80 -22.24
N ASP A 141 6.75 32.93 -21.26
CA ASP A 141 6.13 33.33 -20.02
C ASP A 141 7.21 33.86 -19.06
N ALA A 142 6.83 34.05 -17.79
CA ALA A 142 7.81 34.51 -16.80
C ALA A 142 8.93 33.51 -16.64
N MET A 143 8.61 32.22 -16.63
CA MET A 143 9.61 31.16 -16.52
C MET A 143 10.27 30.83 -17.84
N GLY A 144 10.03 31.61 -18.89
CA GLY A 144 10.69 31.40 -20.16
C GLY A 144 10.18 30.21 -20.94
N GLN A 145 8.93 29.81 -20.73
CA GLN A 145 8.34 28.69 -21.44
C GLN A 145 7.44 29.21 -22.57
N THR A 146 7.57 28.61 -23.74
CA THR A 146 6.82 29.03 -24.91
C THR A 146 5.52 28.23 -25.02
N ALA A 147 4.72 28.56 -26.04
CA ALA A 147 3.44 27.89 -26.22
C ALA A 147 3.61 26.40 -26.49
N LEU A 148 4.58 26.04 -27.33
CA LEU A 148 4.77 24.63 -27.69
C LEU A 148 5.11 23.78 -26.46
N HIS A 149 5.73 24.38 -25.44
CA HIS A 149 6.12 23.60 -24.27
C HIS A 149 4.91 22.94 -23.62
N VAL A 150 3.87 23.72 -23.33
CA VAL A 150 2.69 23.16 -22.69
C VAL A 150 1.88 22.31 -23.65
N ALA A 151 1.82 22.71 -24.94
CA ALA A 151 1.04 21.95 -25.90
C ALA A 151 1.56 20.52 -26.03
N CYS A 152 2.88 20.37 -26.12
CA CYS A 152 3.46 19.03 -26.20
C CYS A 152 3.25 18.25 -24.91
N GLN A 153 3.28 18.95 -23.76
CA GLN A 153 3.15 18.27 -22.47
C GLN A 153 1.80 17.59 -22.35
N ASN A 154 0.74 18.22 -22.83
CA ASN A 154 -0.60 17.66 -22.75
C ASN A 154 -0.92 16.71 -23.89
N GLY A 155 0.04 16.47 -24.79
CA GLY A 155 -0.12 15.45 -25.81
C GLY A 155 -1.21 15.73 -26.83
N HIS A 156 -1.28 16.96 -27.34
CA HIS A 156 -2.22 17.31 -28.40
C HIS A 156 -1.51 17.15 -29.74
N LYS A 157 -1.77 16.03 -30.42
CA LYS A 157 -1.06 15.74 -31.66
C LYS A 157 -1.37 16.77 -32.73
N THR A 158 -2.63 17.19 -32.86
CA THR A 158 -2.99 18.14 -33.91
C THR A 158 -2.51 19.55 -33.58
N THR A 159 -2.43 19.90 -32.29
CA THR A 159 -2.00 21.24 -31.92
C THR A 159 -0.54 21.48 -32.34
N VAL A 160 0.33 20.51 -32.08
CA VAL A 160 1.74 20.67 -32.43
C VAL A 160 1.90 20.77 -33.94
N GLN A 161 1.14 19.97 -34.69
CA GLN A 161 1.26 20.00 -36.15
C GLN A 161 0.96 21.39 -36.70
N CYS A 162 -0.10 22.03 -36.21
CA CYS A 162 -0.42 23.38 -36.68
C CYS A 162 0.69 24.36 -36.31
N LEU A 163 1.18 24.29 -35.07
CA LEU A 163 2.19 25.25 -34.63
C LEU A 163 3.48 25.11 -35.43
N LEU A 164 3.92 23.88 -35.68
CA LEU A 164 5.13 23.68 -36.48
C LEU A 164 4.93 24.22 -37.90
N ASP A 165 3.76 23.99 -38.49
CA ASP A 165 3.49 24.52 -39.82
C ASP A 165 3.53 26.05 -39.83
N SER A 166 3.30 26.68 -38.67
CA SER A 166 3.35 28.13 -38.55
C SER A 166 4.73 28.66 -38.26
N GLY A 167 5.74 27.80 -38.17
CA GLY A 167 7.10 28.23 -37.88
C GLY A 167 7.45 28.30 -36.42
N ALA A 168 6.68 27.66 -35.55
CA ALA A 168 6.98 27.69 -34.12
C ALA A 168 8.35 27.06 -33.85
N ASP A 169 9.07 27.64 -32.91
CA ASP A 169 10.39 27.14 -32.57
C ASP A 169 10.30 25.70 -32.06
N ILE A 170 11.26 24.87 -32.46
CA ILE A 170 11.28 23.47 -32.07
C ILE A 170 12.34 23.17 -31.01
N ASN A 171 13.30 24.07 -30.78
CA ASN A 171 14.39 23.86 -29.85
C ASN A 171 14.59 25.08 -28.97
N ARG A 172 13.50 25.63 -28.45
CA ARG A 172 13.57 26.78 -27.55
C ARG A 172 13.87 26.31 -26.13
N PRO A 173 15.02 26.67 -25.56
CA PRO A 173 15.31 26.25 -24.18
C PRO A 173 14.60 27.11 -23.16
N ASN A 174 14.11 26.47 -22.11
CA ASN A 174 13.49 27.17 -20.99
C ASN A 174 14.57 27.88 -20.17
N VAL A 175 14.14 28.52 -19.09
CA VAL A 175 15.10 29.11 -18.16
C VAL A 175 16.03 28.03 -17.61
N SER A 176 15.47 26.87 -17.26
CA SER A 176 16.28 25.74 -16.83
C SER A 176 16.89 24.97 -18.01
N GLY A 177 16.50 25.29 -19.23
CA GLY A 177 17.01 24.60 -20.40
C GLY A 177 16.09 23.52 -20.95
N ALA A 178 14.82 23.52 -20.59
CA ALA A 178 13.92 22.46 -21.02
C ALA A 178 13.67 22.54 -22.52
N THR A 179 13.53 21.37 -23.13
CA THR A 179 13.24 21.13 -24.55
C THR A 179 11.83 20.60 -24.71
N PRO A 180 11.10 20.95 -25.78
CA PRO A 180 9.72 20.45 -25.88
C PRO A 180 9.65 18.93 -25.89
N LEU A 181 10.72 18.24 -26.29
CA LEU A 181 10.79 16.80 -26.04
C LEU A 181 10.89 16.52 -24.54
N TYR A 182 11.63 17.35 -23.81
CA TYR A 182 11.81 17.14 -22.37
C TYR A 182 10.47 17.16 -21.63
N PHE A 183 9.62 18.13 -21.96
CA PHE A 183 8.31 18.20 -21.32
C PHE A 183 7.39 17.09 -21.82
N ALA A 184 7.51 16.70 -23.08
CA ALA A 184 6.70 15.60 -23.60
C ALA A 184 6.98 14.31 -22.86
N CYS A 185 8.27 14.02 -22.60
CA CYS A 185 8.63 12.83 -21.84
C CYS A 185 8.24 12.96 -20.37
N SER A 186 8.12 14.19 -19.88
CA SER A 186 7.74 14.38 -18.48
C SER A 186 6.38 13.77 -18.18
N HIS A 187 5.41 13.97 -19.07
CA HIS A 187 4.08 13.38 -18.94
C HIS A 187 3.91 12.14 -19.80
N GLY A 188 4.99 11.63 -20.39
CA GLY A 188 4.95 10.38 -21.11
C GLY A 188 4.04 10.37 -22.32
N GLN A 189 4.15 11.40 -23.17
CA GLN A 189 3.37 11.47 -24.39
C GLN A 189 4.09 10.74 -25.53
N ARG A 190 3.32 9.94 -26.28
CA ARG A 190 3.87 9.14 -27.36
C ARG A 190 3.80 9.87 -28.71
N ASP A 191 2.59 10.27 -29.11
CA ASP A 191 2.41 10.85 -30.44
C ASP A 191 3.24 12.12 -30.60
N THR A 192 3.18 13.01 -29.61
CA THR A 192 3.94 14.26 -29.71
C THR A 192 5.44 14.00 -29.76
N ALA A 193 5.93 13.08 -28.92
CA ALA A 193 7.35 12.75 -28.94
C ALA A 193 7.75 12.17 -30.30
N GLN A 194 6.96 11.24 -30.82
CA GLN A 194 7.26 10.66 -32.13
C GLN A 194 7.25 11.72 -33.22
N ILE A 195 6.29 12.63 -33.17
CA ILE A 195 6.22 13.69 -34.17
C ILE A 195 7.47 14.57 -34.10
N LEU A 196 7.91 14.89 -32.88
CA LEU A 196 9.09 15.76 -32.73
C LEU A 196 10.33 15.12 -33.34
N LEU A 197 10.50 13.81 -33.14
CA LEU A 197 11.66 13.13 -33.72
C LEU A 197 11.64 13.21 -35.24
N LEU A 198 10.47 13.09 -35.85
CA LEU A 198 10.38 13.17 -37.31
C LEU A 198 10.88 14.52 -37.81
N ARG A 199 10.47 15.61 -37.14
CA ARG A 199 10.94 16.93 -37.52
C ARG A 199 12.41 17.14 -37.18
N GLY A 200 12.99 16.30 -36.32
CA GLY A 200 14.39 16.41 -35.98
C GLY A 200 14.65 17.23 -34.74
N ALA A 201 13.91 16.95 -33.67
CA ALA A 201 14.11 17.66 -32.41
C ALA A 201 15.47 17.28 -31.82
N LYS A 202 16.18 18.29 -31.32
CA LYS A 202 17.50 18.07 -30.74
C LYS A 202 17.40 17.55 -29.32
N TYR A 203 18.40 16.77 -28.92
CA TYR A 203 18.50 16.21 -27.58
C TYR A 203 19.60 16.95 -26.83
N LEU A 204 19.20 17.73 -25.82
CA LEU A 204 20.14 18.48 -24.99
C LEU A 204 19.69 18.40 -23.54
N PRO A 205 20.61 18.50 -22.59
CA PRO A 205 20.23 18.48 -21.18
C PRO A 205 19.89 19.87 -20.66
N ASP A 206 19.20 19.88 -19.51
CA ASP A 206 18.84 21.14 -18.88
C ASP A 206 20.05 21.80 -18.25
N LYS A 207 19.94 23.12 -18.04
CA LYS A 207 21.01 23.86 -17.38
C LYS A 207 21.29 23.30 -15.99
N ASN A 208 20.26 22.80 -15.31
CA ASN A 208 20.43 22.19 -13.99
C ASN A 208 21.24 20.90 -14.04
N GLY A 209 21.45 20.32 -15.22
CA GLY A 209 22.18 19.09 -15.35
C GLY A 209 21.34 17.83 -15.39
N VAL A 210 20.02 17.96 -15.44
CA VAL A 210 19.12 16.81 -15.48
C VAL A 210 18.83 16.49 -16.94
N THR A 211 19.30 15.33 -17.40
CA THR A 211 19.06 14.92 -18.77
C THR A 211 17.60 14.52 -18.96
N PRO A 212 17.10 14.57 -20.20
CA PRO A 212 15.69 14.19 -20.42
C PRO A 212 15.38 12.78 -19.95
N LEU A 213 16.31 11.84 -20.13
CA LEU A 213 16.06 10.47 -19.71
C LEU A 213 16.01 10.31 -18.19
N ASP A 214 16.50 11.31 -17.45
CA ASP A 214 16.42 11.24 -15.99
C ASP A 214 14.96 11.17 -15.54
N LEU A 215 14.09 11.98 -16.13
CA LEU A 215 12.68 11.92 -15.79
C LEU A 215 12.00 10.72 -16.44
N CYS A 216 12.42 10.35 -17.65
CA CYS A 216 11.79 9.23 -18.34
C CYS A 216 11.93 7.94 -17.55
N VAL A 217 13.14 7.66 -17.05
CA VAL A 217 13.34 6.48 -16.21
C VAL A 217 12.57 6.63 -14.90
N GLN A 218 12.59 7.82 -14.31
CA GLN A 218 11.83 8.06 -13.09
C GLN A 218 10.33 7.91 -13.34
N GLY A 219 9.84 8.42 -14.47
CA GLY A 219 8.44 8.27 -14.79
C GLY A 219 8.05 6.86 -15.17
N GLY A 220 9.00 6.08 -15.69
CA GLY A 220 8.72 4.71 -16.07
C GLY A 220 7.73 4.60 -17.22
N TYR A 221 7.88 5.44 -18.24
CA TYR A 221 7.01 5.42 -19.42
C TYR A 221 7.77 4.69 -20.52
N GLY A 222 7.55 3.38 -20.61
CA GLY A 222 8.25 2.58 -21.60
C GLY A 222 7.95 2.97 -23.02
N GLU A 223 6.75 3.51 -23.27
CA GLU A 223 6.37 3.88 -24.63
C GLU A 223 7.31 4.92 -25.20
N THR A 224 7.68 5.92 -24.40
CA THR A 224 8.59 6.96 -24.87
C THR A 224 10.02 6.43 -25.03
N CYS A 225 10.40 5.43 -24.26
CA CYS A 225 11.77 4.92 -24.32
C CYS A 225 12.05 4.27 -25.67
N GLU A 226 11.14 3.44 -26.16
CA GLU A 226 11.40 2.68 -27.37
C GLU A 226 11.56 3.60 -28.59
N VAL A 227 10.75 4.65 -28.68
CA VAL A 227 10.94 5.61 -29.76
C VAL A 227 12.27 6.33 -29.62
N LEU A 228 12.64 6.73 -28.39
CA LEU A 228 13.91 7.41 -28.18
C LEU A 228 15.08 6.50 -28.53
N ILE A 229 15.05 5.25 -28.04
CA ILE A 229 16.12 4.30 -28.35
C ILE A 229 16.14 3.96 -29.83
N GLN A 230 15.02 4.11 -30.54
CA GLN A 230 14.99 3.82 -31.96
C GLN A 230 15.98 4.68 -32.72
N TYR A 231 16.05 5.97 -32.39
CA TYR A 231 16.96 6.90 -33.05
C TYR A 231 18.26 7.10 -32.29
N HIS A 232 18.31 6.77 -31.00
CA HIS A 232 19.50 6.95 -30.17
C HIS A 232 19.81 5.67 -29.42
N PRO A 233 20.32 4.64 -30.11
CA PRO A 233 20.71 3.41 -29.40
C PRO A 233 21.78 3.63 -28.35
N ARG A 234 22.60 4.68 -28.51
CA ARG A 234 23.66 4.94 -27.53
C ARG A 234 23.09 5.10 -26.13
N LEU A 235 21.92 5.74 -26.01
CA LEU A 235 21.32 5.98 -24.70
C LEU A 235 20.81 4.70 -24.05
N PHE A 236 20.73 3.59 -24.78
CA PHE A 236 20.32 2.34 -24.17
C PHE A 236 21.27 1.95 -23.05
N GLN A 237 22.58 2.11 -23.26
CA GLN A 237 23.54 1.80 -22.21
C GLN A 237 23.37 2.73 -21.01
N THR A 238 23.03 4.00 -21.26
CA THR A 238 22.85 4.95 -20.17
C THR A 238 21.82 4.46 -19.16
N ILE A 239 20.80 3.72 -19.62
CA ILE A 239 19.82 3.17 -18.69
C ILE A 239 20.49 2.22 -17.70
N ILE A 240 21.40 1.38 -18.19
CA ILE A 240 22.11 0.46 -17.32
C ILE A 240 22.96 1.21 -16.32
N GLN A 241 23.65 2.27 -16.78
CA GLN A 241 24.48 3.06 -15.87
C GLN A 241 23.63 3.69 -14.77
N MET A 242 22.45 4.19 -15.11
CA MET A 242 21.59 4.82 -14.12
C MET A 242 21.23 3.87 -12.98
N THR A 243 21.32 2.56 -13.21
CA THR A 243 21.03 1.60 -12.14
C THR A 243 21.90 1.83 -10.92
N GLN A 244 23.15 2.27 -11.12
CA GLN A 244 24.06 2.46 -9.99
C GLN A 244 23.54 3.53 -9.04
N ASN A 245 22.99 4.62 -9.57
CA ASN A 245 22.50 5.69 -8.73
C ASN A 245 21.40 5.18 -7.80
N GLU A 246 21.48 5.59 -6.53
CA GLU A 246 20.51 5.15 -5.52
C GLU A 246 19.27 6.03 -5.48
N ASP A 247 19.24 7.14 -6.22
CA ASP A 247 18.12 8.07 -6.17
C ASP A 247 16.92 7.59 -6.97
N LEU A 248 17.06 6.54 -7.77
CA LEU A 248 15.98 6.05 -8.62
C LEU A 248 15.29 4.87 -7.96
N ARG A 249 13.96 4.86 -8.05
CA ARG A 249 13.17 3.79 -7.44
C ARG A 249 13.28 2.51 -8.24
N GLU A 250 13.37 1.39 -7.52
CA GLU A 250 13.53 0.09 -8.17
C GLU A 250 12.27 -0.34 -8.90
N ASN A 251 11.10 -0.04 -8.32
CA ASN A 251 9.85 -0.51 -8.91
C ASN A 251 9.67 0.02 -10.33
N MET A 252 9.96 1.29 -10.55
CA MET A 252 9.78 1.88 -11.88
C MET A 252 10.68 1.19 -12.90
N LEU A 253 11.93 0.92 -12.55
CA LEU A 253 12.86 0.35 -13.52
C LEU A 253 12.45 -1.04 -13.95
N ARG A 254 11.75 -1.79 -13.08
CA ARG A 254 11.28 -3.11 -13.50
C ARG A 254 10.27 -3.00 -14.64
N GLN A 255 9.24 -2.17 -14.46
CA GLN A 255 8.16 -2.10 -15.44
C GLN A 255 8.68 -1.65 -16.79
N VAL A 256 9.56 -0.63 -16.81
CA VAL A 256 10.09 -0.13 -18.08
C VAL A 256 10.92 -1.21 -18.76
N LEU A 257 11.74 -1.93 -17.99
CA LEU A 257 12.54 -3.00 -18.57
C LEU A 257 11.66 -4.15 -19.06
N GLU A 258 10.56 -4.43 -18.37
CA GLU A 258 9.63 -5.45 -18.84
C GLU A 258 9.12 -5.09 -20.24
N HIS A 259 8.60 -3.87 -20.40
CA HIS A 259 7.98 -3.48 -21.66
C HIS A 259 8.95 -3.64 -22.82
N LEU A 260 10.20 -3.21 -22.64
CA LEU A 260 11.21 -3.39 -23.68
C LEU A 260 11.43 -4.86 -23.98
N SER A 261 11.26 -5.73 -22.98
CA SER A 261 11.57 -7.15 -23.16
C SER A 261 10.62 -7.80 -24.17
N GLN A 262 9.31 -7.55 -24.05
CA GLN A 262 8.37 -8.23 -24.94
C GLN A 262 8.55 -7.82 -26.39
N GLN A 263 9.25 -6.72 -26.67
CA GLN A 263 9.38 -6.24 -28.04
C GLN A 263 9.97 -7.31 -28.93
N SER A 264 11.19 -7.75 -28.63
CA SER A 264 11.84 -8.80 -29.41
C SER A 264 12.86 -9.50 -28.53
N GLU A 265 13.14 -10.77 -28.86
CA GLU A 265 14.10 -11.54 -28.10
C GLU A 265 15.49 -10.90 -28.12
N SER A 266 15.83 -10.21 -29.21
CA SER A 266 17.16 -9.61 -29.32
C SER A 266 17.39 -8.61 -28.18
N GLN A 267 16.43 -7.71 -27.95
CA GLN A 267 16.56 -6.78 -26.84
C GLN A 267 16.48 -7.50 -25.50
N TYR A 268 15.71 -8.59 -25.43
CA TYR A 268 15.66 -9.38 -24.20
C TYR A 268 17.05 -9.92 -23.85
N LEU A 269 17.77 -10.44 -24.84
CA LEU A 269 19.14 -10.87 -24.62
C LEU A 269 20.03 -9.69 -24.24
N LYS A 270 19.85 -8.55 -24.91
CA LYS A 270 20.69 -7.38 -24.62
C LYS A 270 20.53 -6.93 -23.19
N ILE A 271 19.29 -6.91 -22.68
CA ILE A 271 19.07 -6.51 -21.29
C ILE A 271 19.79 -7.46 -20.34
N LEU A 272 19.66 -8.76 -20.58
CA LEU A 272 20.30 -9.74 -19.70
C LEU A 272 21.81 -9.62 -19.75
N THR A 273 22.38 -9.48 -20.94
CA THR A 273 23.83 -9.39 -21.07
C THR A 273 24.37 -8.15 -20.38
N SER A 274 23.71 -7.01 -20.59
CA SER A 274 24.16 -5.76 -19.96
C SER A 274 24.09 -5.86 -18.44
N LEU A 275 23.00 -6.43 -17.92
CA LEU A 275 22.86 -6.56 -16.47
C LEU A 275 23.96 -7.46 -15.90
N ALA A 276 24.27 -8.56 -16.60
CA ALA A 276 25.34 -9.43 -16.14
C ALA A 276 26.69 -8.72 -16.17
N GLU A 277 26.95 -7.95 -17.23
CA GLU A 277 28.23 -7.26 -17.36
C GLU A 277 28.41 -6.27 -16.22
N VAL A 278 27.42 -5.39 -16.01
CA VAL A 278 27.51 -4.40 -14.93
C VAL A 278 27.56 -5.10 -13.58
N ALA A 279 26.81 -6.20 -13.43
CA ALA A 279 26.87 -6.97 -12.19
C ALA A 279 28.26 -7.52 -11.94
N THR A 280 28.92 -8.00 -13.00
CA THR A 280 30.28 -8.51 -12.86
C THR A 280 31.22 -7.41 -12.38
N THR A 281 31.11 -6.21 -12.97
CA THR A 281 31.95 -5.11 -12.56
C THR A 281 31.71 -4.73 -11.10
N ASN A 282 30.45 -4.67 -10.69
CA ASN A 282 30.13 -4.33 -9.31
C ASN A 282 30.64 -5.39 -8.35
N GLY A 283 30.53 -6.66 -8.72
CA GLY A 283 30.99 -7.72 -7.84
C GLY A 283 32.47 -7.60 -7.50
N HIS A 284 33.30 -7.38 -8.52
CA HIS A 284 34.73 -7.19 -8.27
C HIS A 284 34.98 -5.95 -7.43
N LYS A 285 34.24 -4.86 -7.71
CA LYS A 285 34.35 -3.68 -6.87
C LYS A 285 33.89 -3.97 -5.44
N LEU A 286 32.84 -4.78 -5.29
CA LEU A 286 32.34 -5.11 -3.96
C LEU A 286 33.39 -5.83 -3.13
N LEU A 287 34.12 -6.77 -3.74
CA LEU A 287 35.12 -7.53 -2.98
C LEU A 287 36.21 -6.62 -2.43
N SER A 288 36.57 -5.57 -3.18
CA SER A 288 37.63 -4.67 -2.74
C SER A 288 37.27 -4.06 -1.40
N LEU A 289 38.23 -4.08 -0.47
CA LEU A 289 37.98 -3.56 0.87
C LEU A 289 37.81 -2.04 0.86
N SER A 290 38.56 -1.34 0.01
CA SER A 290 38.52 0.12 0.02
C SER A 290 37.17 0.67 -0.41
N SER A 291 36.50 -0.01 -1.35
CA SER A 291 35.26 0.51 -1.90
C SER A 291 34.19 0.61 -0.82
N ASN A 292 33.28 1.58 -1.00
CA ASN A 292 32.17 1.73 -0.07
C ASN A 292 31.37 0.44 0.02
N TYR A 293 31.06 0.03 1.25
CA TYR A 293 30.46 -1.29 1.46
C TYR A 293 28.95 -1.26 1.27
N ASP A 294 28.26 -0.30 1.89
CA ASP A 294 26.80 -0.24 1.76
C ASP A 294 26.39 0.01 0.32
N ALA A 295 27.00 0.99 -0.34
CA ALA A 295 26.59 1.38 -1.68
C ALA A 295 26.76 0.23 -2.67
N GLN A 296 27.90 -0.47 -2.58
CA GLN A 296 28.20 -1.49 -3.58
C GLN A 296 27.25 -2.69 -3.46
N MET A 297 27.05 -3.20 -2.24
CA MET A 297 26.17 -4.35 -2.08
C MET A 297 24.74 -4.00 -2.47
N LYS A 298 24.28 -2.82 -2.08
CA LYS A 298 22.94 -2.39 -2.47
C LYS A 298 22.81 -2.30 -3.99
N SER A 299 23.82 -1.73 -4.65
CA SER A 299 23.79 -1.66 -6.11
C SER A 299 23.78 -3.04 -6.74
N LEU A 300 24.64 -3.94 -6.24
CA LEU A 300 24.70 -5.29 -6.79
C LEU A 300 23.39 -6.03 -6.57
N LEU A 301 22.85 -5.96 -5.35
CA LEU A 301 21.56 -6.59 -5.08
C LEU A 301 20.46 -5.93 -5.91
N ARG A 302 20.51 -4.60 -6.04
CA ARG A 302 19.53 -3.90 -6.87
C ARG A 302 19.52 -4.45 -8.29
N ILE A 303 20.70 -4.52 -8.92
CA ILE A 303 20.78 -4.97 -10.31
C ILE A 303 20.35 -6.43 -10.42
N VAL A 304 20.80 -7.27 -9.48
CA VAL A 304 20.49 -8.69 -9.56
C VAL A 304 18.99 -8.92 -9.52
N ARG A 305 18.27 -8.12 -8.72
CA ARG A 305 16.83 -8.32 -8.59
C ARG A 305 16.12 -8.14 -9.93
N MET A 306 16.49 -7.11 -10.70
CA MET A 306 15.90 -6.95 -12.03
C MET A 306 16.25 -8.11 -12.93
N PHE A 307 17.51 -8.56 -12.90
CA PHE A 307 17.92 -9.67 -13.74
C PHE A 307 17.14 -10.93 -13.40
N CYS A 308 16.96 -11.21 -12.11
CA CYS A 308 16.22 -12.39 -11.70
C CYS A 308 14.76 -12.31 -12.16
N HIS A 309 14.12 -11.16 -11.98
CA HIS A 309 12.72 -11.00 -12.35
C HIS A 309 12.56 -11.02 -13.87
N VAL A 310 13.39 -10.24 -14.58
CA VAL A 310 13.28 -10.18 -16.04
C VAL A 310 13.54 -11.55 -16.65
N PHE A 311 14.43 -12.33 -16.04
CA PHE A 311 14.68 -13.68 -16.56
C PHE A 311 13.43 -14.54 -16.51
N ARG A 312 12.66 -14.43 -15.43
CA ARG A 312 11.46 -15.24 -15.27
C ARG A 312 10.34 -14.82 -16.23
N ILE A 313 10.38 -13.60 -16.74
CA ILE A 313 9.36 -13.13 -17.67
C ILE A 313 9.70 -13.66 -19.06
N GLY A 314 8.88 -14.57 -19.56
CA GLY A 314 9.10 -15.16 -20.86
C GLY A 314 8.70 -14.24 -21.99
N PRO A 315 9.19 -14.52 -23.19
CA PRO A 315 8.84 -13.70 -24.36
C PRO A 315 7.50 -14.12 -24.95
N SER A 316 7.13 -13.46 -26.05
CA SER A 316 5.87 -13.73 -26.73
C SER A 316 6.12 -13.73 -28.23
N SER A 317 5.25 -14.45 -28.95
CA SER A 317 5.39 -14.54 -30.41
C SER A 317 5.29 -13.19 -31.09
N PRO A 318 4.32 -12.32 -30.78
CA PRO A 318 4.25 -11.02 -31.47
C PRO A 318 5.51 -10.18 -31.32
N ASN A 329 14.09 -19.58 -24.42
CA ASN A 329 13.76 -21.00 -24.44
C ASN A 329 14.85 -21.80 -25.13
N LYS A 330 16.01 -21.19 -25.29
CA LYS A 330 17.14 -21.80 -26.01
C LYS A 330 18.42 -21.43 -25.26
N THR A 331 19.56 -21.60 -25.93
CA THR A 331 20.85 -21.32 -25.30
C THR A 331 21.03 -19.88 -24.82
N PRO A 332 20.62 -18.84 -25.55
CA PRO A 332 21.06 -17.48 -25.16
C PRO A 332 20.68 -17.08 -23.74
N ARG A 333 19.73 -17.78 -23.11
CA ARG A 333 19.46 -17.53 -21.69
C ARG A 333 20.59 -18.08 -20.82
N SER A 334 21.28 -19.12 -21.27
CA SER A 334 22.42 -19.65 -20.53
C SER A 334 23.72 -18.95 -20.87
N GLN A 335 23.84 -18.37 -22.07
CA GLN A 335 25.06 -17.65 -22.43
C GLN A 335 25.28 -16.43 -21.54
N VAL A 336 24.21 -15.71 -21.21
CA VAL A 336 24.33 -14.56 -20.33
C VAL A 336 24.83 -14.98 -18.95
N PHE A 337 24.64 -16.24 -18.58
CA PHE A 337 25.23 -16.73 -17.32
C PHE A 337 26.73 -16.93 -17.44
N LYS A 338 27.27 -17.00 -18.66
CA LYS A 338 28.71 -17.09 -18.80
C LYS A 338 29.42 -15.86 -18.27
N PRO A 339 28.98 -14.63 -18.58
CA PRO A 339 29.50 -13.48 -17.81
C PRO A 339 29.30 -13.65 -16.32
N LEU A 340 28.21 -14.29 -15.90
CA LEU A 340 27.97 -14.55 -14.49
C LEU A 340 28.83 -15.69 -13.96
N GLU A 341 29.13 -16.70 -14.77
CA GLU A 341 29.99 -17.78 -14.28
C GLU A 341 31.39 -17.25 -14.00
N LEU A 342 31.80 -16.18 -14.68
CA LEU A 342 33.01 -15.48 -14.27
C LEU A 342 32.86 -14.95 -12.85
N LEU A 343 31.70 -14.35 -12.56
CA LEU A 343 31.42 -13.92 -11.19
C LEU A 343 31.33 -15.12 -10.25
N TRP A 344 30.66 -16.20 -10.69
CA TRP A 344 30.60 -17.40 -9.86
C TRP A 344 31.98 -18.02 -9.69
N HIS A 345 32.78 -18.04 -10.75
CA HIS A 345 34.13 -18.58 -10.66
C HIS A 345 34.94 -17.83 -9.60
N SER A 346 34.86 -16.51 -9.59
CA SER A 346 35.53 -15.74 -8.56
C SER A 346 34.96 -16.06 -7.19
N LEU A 347 33.64 -16.22 -7.09
CA LEU A 347 33.03 -16.59 -5.82
C LEU A 347 33.55 -17.95 -5.34
N ASP A 348 33.64 -18.92 -6.26
CA ASP A 348 34.20 -20.21 -5.89
C ASP A 348 35.65 -20.07 -5.42
N GLU A 349 36.46 -19.31 -6.17
CA GLU A 349 37.84 -19.10 -5.77
C GLU A 349 37.92 -18.41 -4.42
N TRP A 350 37.06 -17.42 -4.19
CA TRP A 350 37.00 -16.78 -2.87
C TRP A 350 36.57 -17.78 -1.81
N LEU A 351 35.62 -18.66 -2.14
CA LEU A 351 35.21 -19.70 -1.20
C LEU A 351 36.35 -20.69 -0.95
N VAL A 352 37.22 -20.92 -1.93
CA VAL A 352 38.45 -21.65 -1.66
C VAL A 352 39.41 -20.80 -0.83
N LEU A 353 39.53 -19.51 -1.15
CA LEU A 353 40.45 -18.65 -0.42
C LEU A 353 40.05 -18.54 1.04
N ILE A 354 38.77 -18.38 1.32
CA ILE A 354 38.31 -18.37 2.71
C ILE A 354 38.53 -19.74 3.34
N ALA A 355 38.40 -20.80 2.53
CA ALA A 355 38.72 -22.14 3.03
C ALA A 355 40.19 -22.23 3.44
N THR A 356 41.08 -21.66 2.62
CA THR A 356 42.47 -21.50 3.06
C THR A 356 42.55 -20.63 4.30
N GLU A 357 41.68 -19.61 4.38
CA GLU A 357 41.63 -18.79 5.58
C GLU A 357 41.26 -19.62 6.80
N LEU A 358 40.31 -20.54 6.64
CA LEU A 358 39.99 -21.46 7.74
C LEU A 358 41.22 -22.25 8.15
N MET A 359 42.06 -22.65 7.19
CA MET A 359 43.32 -23.30 7.53
C MET A 359 44.20 -22.36 8.35
N LYS A 360 44.27 -21.09 7.95
CA LYS A 360 44.99 -20.11 8.76
C LYS A 360 44.35 -19.96 10.13
N ASN A 361 43.02 -19.88 10.17
CA ASN A 361 42.32 -19.84 11.45
C ASN A 361 42.54 -21.12 12.23
N LYS A 362 42.45 -22.27 11.55
CA LYS A 362 42.75 -23.54 12.20
C LYS A 362 44.21 -23.58 12.64
N ARG A 363 45.12 -23.09 11.80
CA ARG A 363 46.52 -22.99 12.20
C ARG A 363 46.67 -22.06 13.39
N ASP A 364 45.96 -20.93 13.37
CA ASP A 364 45.92 -20.07 14.56
C ASP A 364 45.24 -20.77 15.73
N SER A 365 44.25 -21.63 15.45
CA SER A 365 43.60 -22.37 16.51
C SER A 365 44.56 -23.32 17.21
N THR A 366 45.54 -23.86 16.48
CA THR A 366 46.54 -24.73 17.10
C THR A 366 47.30 -23.96 18.18
N GLU A 367 47.70 -22.73 17.89
CA GLU A 367 48.36 -21.91 18.90
C GLU A 367 47.43 -21.63 20.08
N ILE A 368 46.16 -21.32 19.80
CA ILE A 368 45.22 -21.04 20.87
C ILE A 368 44.91 -22.31 21.65
N THR A 369 44.64 -23.41 20.94
CA THR A 369 44.35 -24.67 21.62
C THR A 369 45.56 -25.17 22.40
N SER A 370 46.75 -25.03 21.82
CA SER A 370 47.97 -25.47 22.52
C SER A 370 48.14 -24.71 23.83
N ILE A 371 47.91 -23.39 23.82
CA ILE A 371 47.95 -22.63 25.06
C ILE A 371 46.86 -23.10 26.01
N LEU A 372 45.66 -23.33 25.49
CA LEU A 372 44.56 -23.78 26.34
C LEU A 372 44.88 -25.12 26.98
N LEU A 373 45.44 -26.05 26.21
CA LEU A 373 45.78 -27.37 26.76
C LEU A 373 46.82 -27.24 27.86
N LYS A 374 47.84 -26.42 27.65
CA LYS A 374 48.88 -26.22 28.66
C LYS A 374 48.41 -25.35 29.82
N GLN A 375 47.33 -24.61 29.65
CA GLN A 375 46.81 -23.75 30.71
C GLN A 375 46.16 -24.59 31.81
N ALA A 417 45.68 -6.62 17.57
CA ALA A 417 45.86 -6.43 16.14
C ALA A 417 45.02 -7.45 15.36
N SER A 418 45.03 -8.70 15.82
CA SER A 418 44.26 -9.74 15.15
C SER A 418 42.76 -9.44 15.18
N ALA A 419 42.29 -8.76 16.24
CA ALA A 419 40.87 -8.44 16.33
C ALA A 419 40.44 -7.55 15.18
N ASP A 420 41.25 -6.53 14.86
CA ASP A 420 40.92 -5.67 13.72
C ASP A 420 40.97 -6.44 12.41
N CYS A 421 41.97 -7.31 12.25
CA CYS A 421 42.06 -8.11 11.03
C CYS A 421 40.84 -9.03 10.90
N GLN A 422 40.43 -9.65 12.00
CA GLN A 422 39.23 -10.49 11.96
C GLN A 422 38.00 -9.67 11.60
N ASP A 423 37.91 -8.45 12.12
CA ASP A 423 36.76 -7.60 11.80
C ASP A 423 36.69 -7.29 10.32
N VAL A 424 37.83 -6.98 9.70
CA VAL A 424 37.84 -6.70 8.27
C VAL A 424 37.39 -7.93 7.49
N ILE A 425 37.89 -9.11 7.87
CA ILE A 425 37.44 -10.34 7.22
C ILE A 425 35.94 -10.54 7.45
N SER A 426 35.47 -10.27 8.67
CA SER A 426 34.03 -10.34 8.93
C SER A 426 33.27 -9.34 8.07
N MET A 427 33.79 -8.12 7.95
CA MET A 427 33.20 -7.17 7.02
C MET A 427 33.27 -7.68 5.59
N THR A 428 34.41 -8.27 5.21
CA THR A 428 34.52 -8.90 3.91
C THR A 428 33.53 -10.07 3.79
N ALA A 429 33.35 -10.81 4.89
CA ALA A 429 32.36 -11.88 4.89
C ALA A 429 30.95 -11.32 4.67
N ASN A 430 30.63 -10.20 5.31
CA ASN A 430 29.34 -9.57 5.09
C ASN A 430 29.15 -9.23 3.61
N ARG A 431 30.19 -8.63 3.00
CA ARG A 431 30.13 -8.36 1.57
C ARG A 431 30.09 -9.65 0.76
N LEU A 432 30.86 -10.66 1.18
CA LEU A 432 30.77 -11.97 0.53
C LEU A 432 29.39 -12.57 0.70
N SER A 433 28.71 -12.26 1.80
CA SER A 433 27.36 -12.80 2.01
C SER A 433 26.37 -12.23 1.02
N ALA A 434 26.60 -11.02 0.52
CA ALA A 434 25.68 -10.43 -0.45
C ALA A 434 25.77 -11.14 -1.79
N VAL A 435 26.99 -11.41 -2.27
CA VAL A 435 27.16 -12.03 -3.58
C VAL A 435 26.58 -13.44 -3.59
N ILE A 436 26.84 -14.21 -2.53
CA ILE A 436 26.30 -15.57 -2.46
C ILE A 436 24.78 -15.52 -2.45
N GLN A 437 24.20 -14.52 -1.78
CA GLN A 437 22.76 -14.32 -1.82
C GLN A 437 22.28 -14.09 -3.24
N ALA A 438 23.01 -13.28 -4.01
CA ALA A 438 22.67 -13.08 -5.41
C ALA A 438 22.77 -14.38 -6.19
N PHE A 439 23.79 -15.20 -5.90
CA PHE A 439 23.94 -16.46 -6.61
C PHE A 439 22.75 -17.38 -6.37
N TYR A 440 22.24 -17.39 -5.13
CA TYR A 440 21.05 -18.20 -4.84
C TYR A 440 19.87 -17.76 -5.69
N MET A 441 19.64 -16.44 -5.78
CA MET A 441 18.51 -15.95 -6.55
C MET A 441 18.64 -16.33 -8.03
N CYS A 442 19.85 -16.21 -8.58
CA CYS A 442 20.06 -16.60 -9.97
C CYS A 442 19.79 -18.09 -10.16
N CYS A 443 20.24 -18.93 -9.21
CA CYS A 443 19.93 -20.35 -9.29
C CYS A 443 18.43 -20.60 -9.14
N SER A 444 17.77 -19.84 -8.27
CA SER A 444 16.35 -20.06 -8.03
C SER A 444 15.54 -19.85 -9.30
N CYS A 445 15.85 -18.82 -10.06
CA CYS A 445 15.16 -18.53 -11.31
C CYS A 445 15.66 -19.38 -12.48
N GLN A 446 16.71 -20.18 -12.27
CA GLN A 446 17.28 -20.99 -13.34
C GLN A 446 16.33 -22.10 -13.81
N MET A 447 15.26 -22.39 -13.06
CA MET A 447 14.32 -23.44 -13.43
C MET A 447 13.00 -23.13 -12.74
N PRO A 448 11.94 -23.91 -12.95
CA PRO A 448 10.66 -23.62 -12.29
C PRO A 448 10.82 -23.55 -10.78
N PRO A 449 9.84 -23.00 -10.08
CA PRO A 449 9.99 -22.78 -8.63
C PRO A 449 9.88 -24.07 -7.84
N GLY A 450 10.28 -23.98 -6.58
CA GLY A 450 10.20 -25.10 -5.66
C GLY A 450 11.39 -26.05 -5.69
N MET A 451 12.39 -25.80 -6.52
CA MET A 451 13.56 -26.65 -6.63
C MET A 451 14.83 -25.82 -6.46
N THR A 452 15.78 -26.37 -5.72
CA THR A 452 17.09 -25.75 -5.54
C THR A 452 18.09 -26.39 -6.49
N SER A 453 18.94 -25.57 -7.08
CA SER A 453 19.88 -26.07 -8.07
C SER A 453 20.78 -27.13 -7.46
N PRO A 454 20.92 -28.31 -8.08
CA PRO A 454 21.89 -29.29 -7.56
C PRO A 454 23.30 -28.74 -7.49
N ARG A 455 23.66 -27.84 -8.42
CA ARG A 455 24.94 -27.14 -8.32
C ARG A 455 24.99 -26.30 -7.06
N PHE A 456 23.88 -25.65 -6.70
CA PHE A 456 23.85 -24.85 -5.50
C PHE A 456 24.06 -25.71 -4.25
N ILE A 457 23.41 -26.87 -4.21
CA ILE A 457 23.47 -27.72 -3.01
C ILE A 457 24.87 -28.27 -2.80
N GLU A 458 25.57 -28.62 -3.88
CA GLU A 458 26.82 -29.36 -3.74
C GLU A 458 27.92 -28.48 -3.12
N PHE A 459 28.06 -27.24 -3.59
CA PHE A 459 29.18 -26.43 -3.10
C PHE A 459 28.87 -25.80 -1.75
N VAL A 460 27.60 -25.45 -1.49
CA VAL A 460 27.25 -24.86 -0.20
C VAL A 460 27.56 -25.85 0.92
N CYS A 461 27.24 -27.13 0.71
CA CYS A 461 27.65 -28.16 1.67
C CYS A 461 29.16 -28.31 1.68
N LYS A 462 29.80 -28.20 0.52
CA LYS A 462 31.25 -28.32 0.44
C LYS A 462 31.96 -27.26 1.28
N HIS A 463 31.32 -26.13 1.53
CA HIS A 463 31.85 -25.05 2.35
C HIS A 463 30.97 -24.83 3.57
N ASP A 464 30.51 -25.92 4.19
CA ASP A 464 29.64 -25.81 5.35
C ASP A 464 30.35 -25.11 6.51
N GLU A 465 31.63 -25.45 6.74
CA GLU A 465 32.36 -24.83 7.84
C GLU A 465 32.46 -23.33 7.66
N VAL A 466 32.64 -22.86 6.42
CA VAL A 466 32.76 -21.43 6.17
C VAL A 466 31.50 -20.71 6.64
N LEU A 467 30.33 -21.23 6.27
CA LEU A 467 29.08 -20.58 6.65
C LEU A 467 28.86 -20.63 8.16
N LYS A 468 29.08 -21.81 8.76
CA LYS A 468 28.89 -21.93 10.20
C LYS A 468 29.89 -21.09 10.98
N CYS A 469 31.07 -20.85 10.42
CA CYS A 469 32.04 -19.98 11.07
C CYS A 469 31.57 -18.52 11.04
N PHE A 470 31.06 -18.08 9.89
CA PHE A 470 30.64 -16.68 9.76
C PHE A 470 29.49 -16.36 10.70
N VAL A 471 28.50 -17.25 10.77
CA VAL A 471 27.32 -16.97 11.62
C VAL A 471 27.75 -16.83 13.07
N ASN A 472 28.68 -17.66 13.52
CA ASN A 472 29.17 -17.54 14.90
C ASN A 472 29.84 -16.20 15.13
N ARG A 473 30.68 -15.77 14.19
CA ARG A 473 31.34 -14.47 14.32
C ARG A 473 30.32 -13.33 14.28
N ASN A 474 29.38 -13.39 13.34
CA ASN A 474 28.36 -12.35 13.15
C ASN A 474 26.99 -13.01 13.11
N PRO A 475 26.35 -13.19 14.26
CA PRO A 475 25.00 -13.80 14.24
C PRO A 475 24.00 -13.00 13.42
N LYS A 476 24.21 -11.69 13.28
CA LYS A 476 23.31 -10.85 12.49
C LYS A 476 23.33 -11.20 11.00
N ILE A 477 24.30 -11.98 10.55
CA ILE A 477 24.43 -12.25 9.11
C ILE A 477 23.18 -12.97 8.59
N ILE A 478 22.62 -13.88 9.39
CA ILE A 478 21.37 -14.51 9.00
C ILE A 478 20.26 -13.46 8.88
N PHE A 479 20.27 -12.47 9.77
CA PHE A 479 19.25 -11.43 9.80
C PHE A 479 19.61 -10.23 8.94
N ASP A 480 20.73 -10.28 8.21
CA ASP A 480 21.13 -9.20 7.32
C ASP A 480 21.12 -9.65 5.86
N HIS A 481 21.84 -10.72 5.52
CA HIS A 481 21.93 -11.18 4.15
C HIS A 481 21.63 -12.66 3.98
N PHE A 482 22.03 -13.50 4.92
CA PHE A 482 21.92 -14.96 4.79
C PHE A 482 20.52 -15.40 5.19
N HIS A 483 19.57 -15.13 4.29
CA HIS A 483 18.16 -15.39 4.55
C HIS A 483 17.61 -16.63 3.87
N PHE A 484 18.23 -17.08 2.77
CA PHE A 484 17.63 -18.11 1.92
C PHE A 484 17.58 -19.49 2.56
N LEU A 485 17.96 -19.65 3.83
CA LEU A 485 17.92 -20.97 4.44
C LEU A 485 16.49 -21.52 4.50
N LEU A 486 15.50 -20.65 4.64
CA LEU A 486 14.13 -21.09 4.84
C LEU A 486 13.55 -21.83 3.65
N GLU A 487 14.19 -21.75 2.47
CA GLU A 487 13.65 -22.43 1.30
C GLU A 487 14.03 -23.91 1.29
N CYS A 488 15.30 -24.21 1.54
CA CYS A 488 15.78 -25.59 1.47
C CYS A 488 15.69 -26.23 2.84
N PRO A 489 14.84 -27.23 3.06
CA PRO A 489 14.80 -27.90 4.38
C PRO A 489 16.12 -28.54 4.75
N GLU A 490 16.85 -29.10 3.78
CA GLU A 490 18.10 -29.77 4.08
C GLU A 490 19.12 -28.80 4.67
N LEU A 491 19.26 -27.61 4.07
CA LEU A 491 20.17 -26.62 4.62
C LEU A 491 19.66 -26.05 5.93
N MET A 492 18.34 -26.09 6.15
CA MET A 492 17.78 -25.61 7.41
C MET A 492 18.30 -26.42 8.59
N SER A 493 18.37 -27.74 8.44
CA SER A 493 18.78 -28.60 9.54
C SER A 493 20.18 -28.25 10.03
N ARG A 494 21.08 -27.89 9.11
CA ARG A 494 22.44 -27.55 9.51
C ARG A 494 22.47 -26.28 10.36
N PHE A 495 21.64 -25.29 10.02
CA PHE A 495 21.66 -24.00 10.69
C PHE A 495 20.46 -23.77 11.61
N MET A 496 19.48 -24.67 11.63
CA MET A 496 18.31 -24.47 12.49
C MET A 496 18.72 -24.38 13.95
N HIS A 497 19.59 -25.29 14.40
CA HIS A 497 20.05 -25.24 15.79
C HIS A 497 20.85 -23.97 16.05
N ILE A 498 21.65 -23.54 15.08
CA ILE A 498 22.38 -22.29 15.23
C ILE A 498 21.41 -21.11 15.31
N ILE A 499 20.41 -21.09 14.43
CA ILE A 499 19.46 -19.98 14.40
C ILE A 499 18.68 -19.91 15.70
N LYS A 500 18.21 -21.07 16.18
CA LYS A 500 17.39 -21.08 17.39
C LYS A 500 18.18 -20.57 18.59
N ALA A 501 19.50 -20.75 18.60
CA ALA A 501 20.31 -20.21 19.68
C ALA A 501 20.29 -18.70 19.73
N GLN A 502 19.98 -18.04 18.61
CA GLN A 502 19.94 -16.59 18.57
C GLN A 502 18.70 -16.07 19.31
N PRO A 503 18.69 -14.79 19.67
CA PRO A 503 17.55 -14.25 20.42
C PRO A 503 16.25 -14.40 19.64
N PHE A 504 15.16 -14.61 20.39
CA PHE A 504 13.86 -14.81 19.76
C PHE A 504 13.44 -13.58 18.96
N LYS A 505 13.76 -12.38 19.46
CA LYS A 505 13.36 -11.16 18.77
C LYS A 505 13.89 -11.15 17.34
N ASP A 506 15.18 -11.44 17.16
CA ASP A 506 15.76 -11.46 15.83
C ASP A 506 15.13 -12.52 14.95
N ARG A 507 14.61 -13.59 15.57
CA ARG A 507 13.92 -14.62 14.80
C ARG A 507 12.52 -14.17 14.39
N CYS A 508 11.86 -13.36 15.22
CA CYS A 508 10.47 -12.98 14.96
C CYS A 508 10.34 -12.15 13.69
N GLU A 509 11.12 -11.08 13.58
CA GLU A 509 10.97 -10.18 12.44
C GLU A 509 11.42 -10.84 11.15
N TRP A 510 12.48 -11.64 11.20
CA TRP A 510 12.92 -12.37 10.02
C TRP A 510 11.81 -13.28 9.51
N PHE A 511 11.06 -13.91 10.40
CA PHE A 511 9.91 -14.69 10.00
C PHE A 511 8.86 -13.81 9.32
N TYR A 512 8.63 -12.61 9.86
CA TYR A 512 7.53 -11.77 9.37
C TYR A 512 7.77 -11.34 7.93
N GLU A 513 8.98 -10.86 7.63
CA GLU A 513 9.24 -10.29 6.31
C GLU A 513 9.11 -11.35 5.22
N HIS A 514 9.55 -12.58 5.51
CA HIS A 514 9.45 -13.64 4.51
C HIS A 514 8.00 -14.03 4.26
N LEU A 515 7.24 -14.28 5.32
CA LEU A 515 5.86 -14.73 5.16
C LEU A 515 4.99 -13.66 4.52
N HIS A 516 5.13 -12.41 4.97
CA HIS A 516 4.32 -11.33 4.44
C HIS A 516 4.63 -11.01 2.99
N SER A 517 5.75 -11.50 2.45
CA SER A 517 6.06 -11.26 1.05
C SER A 517 5.02 -11.88 0.13
N GLY A 518 4.54 -13.06 0.48
CA GLY A 518 3.55 -13.79 -0.30
C GLY A 518 2.11 -13.45 0.03
N GLN A 519 1.87 -12.45 0.86
CA GLN A 519 0.50 -12.11 1.22
C GLN A 519 -0.26 -11.61 -0.01
N PRO A 520 -1.57 -11.92 -0.13
CA PRO A 520 -2.43 -11.24 -1.10
C PRO A 520 -2.91 -9.88 -0.59
N ASP A 521 -1.96 -9.02 -0.23
CA ASP A 521 -2.27 -7.80 0.50
C ASP A 521 -3.16 -6.87 -0.32
N SER A 522 -4.14 -6.26 0.36
CA SER A 522 -4.98 -5.24 -0.25
C SER A 522 -5.26 -4.09 0.70
N ASP A 523 -4.62 -4.05 1.87
CA ASP A 523 -4.93 -3.03 2.87
C ASP A 523 -4.69 -1.63 2.32
N MET A 524 -3.44 -1.30 1.99
CA MET A 524 -3.14 0.03 1.48
C MET A 524 -3.81 0.27 0.13
N VAL A 525 -3.96 -0.78 -0.67
CA VAL A 525 -4.64 -0.63 -1.96
C VAL A 525 -6.12 -0.34 -1.76
N HIS A 526 -6.73 -0.99 -0.76
CA HIS A 526 -8.15 -0.86 -0.46
C HIS A 526 -8.99 -0.84 -1.74
N ARG A 527 -8.74 -1.82 -2.61
CA ARG A 527 -9.54 -2.06 -3.79
C ARG A 527 -10.40 -3.30 -3.55
N PRO A 528 -11.73 -3.20 -3.61
CA PRO A 528 -12.55 -4.37 -3.27
C PRO A 528 -12.27 -5.54 -4.19
N VAL A 529 -12.28 -6.74 -3.61
CA VAL A 529 -12.04 -7.95 -4.38
C VAL A 529 -13.26 -8.26 -5.24
N ASN A 530 -13.03 -9.02 -6.31
CA ASN A 530 -14.11 -9.43 -7.20
C ASN A 530 -15.18 -10.17 -6.41
N GLU A 531 -16.45 -9.79 -6.64
CA GLU A 531 -17.54 -10.39 -5.89
C GLU A 531 -17.60 -11.90 -6.08
N ASN A 532 -17.19 -12.39 -7.26
CA ASN A 532 -17.18 -13.83 -7.48
C ASN A 532 -16.27 -14.55 -6.50
N ASP A 533 -15.21 -13.87 -6.03
CA ASP A 533 -14.27 -14.46 -5.08
C ASP A 533 -14.69 -14.26 -3.63
N ILE A 534 -15.39 -13.16 -3.33
CA ILE A 534 -15.79 -12.87 -1.96
C ILE A 534 -16.95 -13.78 -1.58
N LEU A 535 -16.82 -14.47 -0.45
CA LEU A 535 -17.89 -15.31 0.05
C LEU A 535 -19.08 -14.45 0.50
N LEU A 536 -20.28 -14.98 0.29
CA LEU A 536 -21.53 -14.32 0.70
C LEU A 536 -22.42 -15.37 1.34
N VAL A 537 -22.33 -15.48 2.67
CA VAL A 537 -23.10 -16.45 3.43
C VAL A 537 -23.76 -15.74 4.61
N HIS A 538 -24.84 -16.34 5.09
CA HIS A 538 -25.56 -15.81 6.24
C HIS A 538 -24.85 -16.22 7.53
N ARG A 539 -24.80 -15.30 8.49
CA ARG A 539 -24.05 -15.55 9.71
C ARG A 539 -24.65 -16.70 10.52
N ASP A 540 -25.96 -16.88 10.45
CA ASP A 540 -26.59 -17.99 11.19
C ASP A 540 -25.95 -19.30 10.77
N SER A 541 -25.63 -20.14 11.76
CA SER A 541 -24.87 -21.37 11.53
C SER A 541 -23.50 -21.03 10.92
N ILE A 542 -22.73 -20.26 11.68
CA ILE A 542 -21.45 -19.75 11.18
C ILE A 542 -20.54 -20.91 10.82
N PHE A 543 -20.46 -21.92 11.68
CA PHE A 543 -19.59 -23.06 11.40
C PHE A 543 -20.04 -23.80 10.14
N ARG A 544 -21.35 -24.03 10.01
CA ARG A 544 -21.87 -24.75 8.86
C ARG A 544 -21.79 -23.89 7.60
N SER A 545 -22.21 -22.63 7.69
CA SER A 545 -22.27 -21.77 6.51
C SER A 545 -20.87 -21.53 5.95
N SER A 546 -19.89 -21.23 6.80
CA SER A 546 -18.56 -20.92 6.32
C SER A 546 -17.94 -22.11 5.59
N CYS A 547 -18.10 -23.31 6.14
CA CYS A 547 -17.49 -24.49 5.52
C CYS A 547 -18.16 -24.82 4.18
N GLU A 548 -19.49 -24.65 4.09
CA GLU A 548 -20.19 -25.04 2.88
C GLU A 548 -19.65 -24.31 1.66
N VAL A 549 -19.48 -22.99 1.76
CA VAL A 549 -19.00 -22.22 0.62
C VAL A 549 -17.54 -22.57 0.32
N VAL A 550 -16.73 -22.79 1.35
CA VAL A 550 -15.32 -23.08 1.15
C VAL A 550 -15.14 -24.36 0.35
N SER A 551 -15.86 -25.41 0.74
CA SER A 551 -15.74 -26.69 0.04
C SER A 551 -16.38 -26.62 -1.35
N LYS A 552 -17.56 -26.01 -1.44
CA LYS A 552 -18.26 -25.97 -2.72
C LYS A 552 -17.60 -25.03 -3.71
N ALA A 553 -17.19 -23.85 -3.25
CA ALA A 553 -16.58 -22.88 -4.14
C ALA A 553 -15.20 -23.34 -4.60
N ASN A 554 -14.76 -22.81 -5.73
CA ASN A 554 -13.47 -23.18 -6.30
C ASN A 554 -12.35 -22.86 -5.31
N CYS A 555 -11.44 -23.81 -5.15
CA CYS A 555 -10.34 -23.62 -4.19
C CYS A 555 -9.44 -22.45 -4.60
N ALA A 556 -9.14 -22.33 -5.90
CA ALA A 556 -8.24 -21.28 -6.34
C ALA A 556 -8.80 -19.90 -6.05
N LYS A 557 -10.10 -19.70 -6.29
CA LYS A 557 -10.70 -18.39 -6.06
C LYS A 557 -10.63 -18.00 -4.60
N LEU A 558 -10.93 -18.94 -3.71
CA LEU A 558 -10.97 -18.64 -2.27
C LEU A 558 -9.60 -18.21 -1.78
N LYS A 559 -8.54 -18.92 -2.17
CA LYS A 559 -7.20 -18.64 -1.70
C LYS A 559 -6.65 -17.32 -2.22
N GLN A 560 -7.29 -16.72 -3.22
CA GLN A 560 -6.83 -15.47 -3.81
C GLN A 560 -7.49 -14.24 -3.20
N GLY A 561 -8.35 -14.41 -2.19
CA GLY A 561 -9.07 -13.30 -1.61
C GLY A 561 -9.02 -13.31 -0.10
N ILE A 562 -9.39 -12.18 0.48
CA ILE A 562 -9.41 -12.03 1.93
C ILE A 562 -10.76 -11.56 2.46
N ALA A 563 -11.60 -10.92 1.64
CA ALA A 563 -12.82 -10.31 2.14
C ALA A 563 -13.78 -11.35 2.69
N VAL A 564 -14.50 -10.96 3.73
CA VAL A 564 -15.53 -11.80 4.36
C VAL A 564 -16.79 -10.96 4.47
N ARG A 565 -17.71 -11.14 3.53
CA ARG A 565 -18.95 -10.39 3.49
C ARG A 565 -20.14 -11.33 3.67
N PHE A 566 -21.13 -10.87 4.44
CA PHE A 566 -22.32 -11.67 4.67
C PHE A 566 -23.31 -11.51 3.53
N HIS A 567 -24.04 -12.58 3.25
CA HIS A 567 -25.02 -12.56 2.16
C HIS A 567 -26.09 -11.51 2.43
N GLY A 568 -26.41 -10.72 1.40
CA GLY A 568 -27.44 -9.70 1.52
C GLY A 568 -27.04 -8.47 2.29
N GLU A 569 -25.76 -8.34 2.67
CA GLU A 569 -25.29 -7.19 3.42
C GLU A 569 -23.98 -6.70 2.83
N GLU A 570 -23.77 -5.39 2.90
CA GLU A 570 -22.56 -4.75 2.43
C GLU A 570 -21.52 -4.56 3.52
N GLY A 571 -21.76 -5.09 4.72
CA GLY A 571 -20.86 -4.91 5.83
C GLY A 571 -19.44 -5.37 5.54
N MET A 572 -18.47 -4.49 5.80
CA MET A 572 -17.06 -4.82 5.57
C MET A 572 -16.23 -3.98 6.52
N GLY A 573 -15.65 -4.64 7.53
CA GLY A 573 -14.82 -3.95 8.50
C GLY A 573 -13.87 -4.89 9.22
N GLN A 574 -12.65 -4.44 9.46
CA GLN A 574 -11.67 -5.29 10.12
C GLN A 574 -12.15 -5.73 11.49
N GLY A 575 -12.73 -4.81 12.26
CA GLY A 575 -13.28 -5.19 13.56
C GLY A 575 -14.42 -6.18 13.43
N VAL A 576 -15.32 -5.95 12.47
CA VAL A 576 -16.41 -6.88 12.24
C VAL A 576 -15.88 -8.24 11.82
N VAL A 577 -14.93 -8.25 10.88
CA VAL A 577 -14.32 -9.50 10.47
C VAL A 577 -13.52 -10.11 11.62
N ARG A 578 -12.88 -9.27 12.42
CA ARG A 578 -12.19 -9.79 13.60
C ARG A 578 -13.17 -10.42 14.58
N GLU A 579 -14.35 -9.81 14.74
CA GLU A 579 -15.41 -10.43 15.52
C GLU A 579 -15.86 -11.74 14.90
N TRP A 580 -15.85 -11.81 13.56
CA TRP A 580 -16.25 -13.05 12.89
C TRP A 580 -15.36 -14.22 13.31
N PHE A 581 -14.07 -13.96 13.48
CA PHE A 581 -13.18 -15.00 13.99
C PHE A 581 -13.58 -15.43 15.39
N ASP A 582 -13.95 -14.47 16.24
CA ASP A 582 -14.32 -14.80 17.62
C ASP A 582 -15.52 -15.72 17.66
N ILE A 583 -16.58 -15.38 16.93
CA ILE A 583 -17.79 -16.22 16.92
C ILE A 583 -17.46 -17.59 16.32
N LEU A 584 -16.74 -17.60 15.21
CA LEU A 584 -16.37 -18.86 14.59
C LEU A 584 -15.48 -19.69 15.51
N SER A 585 -14.52 -19.03 16.17
CA SER A 585 -13.61 -19.76 17.06
C SER A 585 -14.38 -20.40 18.22
N ASN A 586 -15.31 -19.66 18.82
CA ASN A 586 -16.06 -20.22 19.95
C ASN A 586 -16.85 -21.46 19.52
N GLU A 587 -17.45 -21.42 18.33
CA GLU A 587 -18.22 -22.56 17.85
C GLU A 587 -17.32 -23.79 17.69
N ILE A 588 -16.07 -23.58 17.30
CA ILE A 588 -15.16 -24.71 17.12
C ILE A 588 -14.94 -25.42 18.45
N VAL A 589 -14.73 -24.65 19.53
CA VAL A 589 -14.56 -25.23 20.86
C VAL A 589 -15.89 -25.45 21.58
N ASN A 590 -17.01 -25.17 20.93
CA ASN A 590 -18.30 -25.37 21.56
C ASN A 590 -18.50 -26.87 21.83
N PRO A 591 -18.83 -27.27 23.07
CA PRO A 591 -19.05 -28.70 23.33
C PRO A 591 -20.17 -29.31 22.49
N ASP A 592 -21.12 -28.51 22.01
CA ASP A 592 -22.21 -29.05 21.21
C ASP A 592 -21.69 -29.73 19.96
N TYR A 593 -20.73 -29.09 19.27
CA TYR A 593 -20.15 -29.69 18.08
C TYR A 593 -19.33 -30.94 18.41
N ALA A 594 -18.83 -31.03 19.65
CA ALA A 594 -18.01 -32.14 20.13
C ALA A 594 -16.68 -32.25 19.40
N LEU A 595 -16.28 -31.22 18.64
CA LEU A 595 -15.00 -31.27 17.94
C LEU A 595 -13.83 -31.20 18.91
N PHE A 596 -13.94 -30.37 19.94
CA PHE A 596 -12.88 -30.20 20.93
C PHE A 596 -13.44 -30.40 22.33
N THR A 597 -12.60 -30.93 23.21
CA THR A 597 -12.97 -31.22 24.60
C THR A 597 -12.17 -30.33 25.53
N GLN A 598 -12.82 -29.85 26.59
CA GLN A 598 -12.15 -28.99 27.55
C GLN A 598 -11.03 -29.76 28.26
N SER A 599 -9.93 -29.06 28.50
CA SER A 599 -8.80 -29.67 29.19
C SER A 599 -9.10 -29.80 30.69
N ALA A 600 -8.28 -30.61 31.36
CA ALA A 600 -8.45 -30.80 32.80
C ALA A 600 -8.28 -29.48 33.54
N ASP A 601 -7.28 -28.69 33.16
CA ASP A 601 -7.09 -27.39 33.79
C ASP A 601 -8.25 -26.44 33.53
N GLY A 602 -9.01 -26.67 32.45
CA GLY A 602 -10.14 -25.82 32.14
C GLY A 602 -9.79 -24.53 31.42
N THR A 603 -8.54 -24.36 31.01
CA THR A 603 -8.10 -23.15 30.32
C THR A 603 -7.62 -23.41 28.90
N THR A 604 -7.64 -24.66 28.43
CA THR A 604 -7.16 -24.99 27.11
C THR A 604 -8.07 -26.04 26.48
N PHE A 605 -8.05 -26.09 25.14
CA PHE A 605 -8.89 -26.99 24.36
C PHE A 605 -8.02 -27.85 23.46
N GLN A 606 -8.42 -29.11 23.30
CA GLN A 606 -7.82 -30.04 22.36
C GLN A 606 -8.91 -30.89 21.76
N PRO A 607 -8.66 -31.51 20.60
CA PRO A 607 -9.73 -32.24 19.91
C PRO A 607 -10.33 -33.33 20.79
N ASN A 608 -11.65 -33.48 20.71
CA ASN A 608 -12.35 -34.49 21.49
C ASN A 608 -12.12 -35.88 20.92
N SER A 609 -11.99 -36.86 21.81
CA SER A 609 -11.85 -38.24 21.37
C SER A 609 -13.12 -38.75 20.69
N ASN A 610 -14.26 -38.15 20.99
CA ASN A 610 -15.54 -38.56 20.43
C ASN A 610 -15.90 -37.81 19.15
N SER A 611 -14.99 -36.97 18.64
CA SER A 611 -15.30 -36.17 17.46
C SER A 611 -15.52 -37.01 16.21
N TYR A 612 -15.17 -38.30 16.25
CA TYR A 612 -15.32 -39.15 15.07
C TYR A 612 -16.77 -39.41 14.71
N VAL A 613 -17.72 -39.05 15.58
CA VAL A 613 -19.13 -39.33 15.30
C VAL A 613 -19.56 -38.64 14.01
N ASN A 614 -19.17 -37.39 13.84
CA ASN A 614 -19.56 -36.63 12.65
C ASN A 614 -18.94 -37.25 11.41
N PRO A 615 -19.74 -37.69 10.42
CA PRO A 615 -19.15 -38.38 9.26
C PRO A 615 -18.15 -37.52 8.49
N ASP A 616 -18.36 -36.22 8.40
CA ASP A 616 -17.50 -35.32 7.63
C ASP A 616 -16.55 -34.53 8.51
N HIS A 617 -16.11 -35.10 9.63
CA HIS A 617 -15.21 -34.37 10.53
C HIS A 617 -13.84 -34.16 9.89
N LEU A 618 -13.38 -35.10 9.05
CA LEU A 618 -12.15 -34.86 8.31
C LEU A 618 -12.24 -33.58 7.50
N ASN A 619 -13.31 -33.43 6.71
CA ASN A 619 -13.45 -32.24 5.88
C ASN A 619 -13.59 -30.98 6.74
N TYR A 620 -14.43 -31.04 7.77
CA TYR A 620 -14.65 -29.87 8.61
C TYR A 620 -13.40 -29.50 9.41
N PHE A 621 -12.68 -30.50 9.92
CA PHE A 621 -11.41 -30.22 10.58
C PHE A 621 -10.41 -29.60 9.60
N ARG A 622 -10.40 -30.08 8.35
CA ARG A 622 -9.55 -29.48 7.34
C ARG A 622 -9.93 -28.02 7.12
N PHE A 623 -11.23 -27.73 7.06
CA PHE A 623 -11.67 -26.34 6.93
C PHE A 623 -11.23 -25.50 8.11
N ALA A 624 -11.32 -26.05 9.33
CA ALA A 624 -10.90 -25.31 10.51
C ALA A 624 -9.42 -24.97 10.43
N GLY A 625 -8.59 -25.91 9.96
CA GLY A 625 -7.17 -25.61 9.81
C GLY A 625 -6.92 -24.45 8.87
N GLN A 626 -7.67 -24.38 7.77
CA GLN A 626 -7.51 -23.27 6.84
C GLN A 626 -7.83 -21.94 7.52
N ILE A 627 -8.91 -21.88 8.28
CA ILE A 627 -9.32 -20.63 8.92
C ILE A 627 -8.27 -20.19 9.93
N LEU A 628 -7.82 -21.11 10.78
CA LEU A 628 -6.85 -20.75 11.80
C LEU A 628 -5.53 -20.30 11.18
N GLY A 629 -5.06 -21.03 10.17
CA GLY A 629 -3.85 -20.62 9.46
C GLY A 629 -4.02 -19.31 8.72
N LEU A 630 -5.22 -19.05 8.20
CA LEU A 630 -5.48 -17.77 7.54
C LEU A 630 -5.26 -16.61 8.50
N ALA A 631 -5.71 -16.75 9.75
CA ALA A 631 -5.49 -15.69 10.73
C ALA A 631 -4.00 -15.46 10.96
N LEU A 632 -3.22 -16.54 11.05
CA LEU A 632 -1.79 -16.40 11.24
C LEU A 632 -1.13 -15.74 10.03
N ASN A 633 -1.61 -16.05 8.82
CA ASN A 633 -1.04 -15.47 7.62
C ASN A 633 -1.08 -13.95 7.67
N HIS A 634 -2.23 -13.38 8.00
CA HIS A 634 -2.38 -11.94 8.11
C HIS A 634 -2.08 -11.41 9.51
N ARG A 635 -1.88 -12.30 10.48
CA ARG A 635 -1.48 -11.98 11.86
C ARG A 635 -2.64 -11.53 12.77
N GLN A 636 -3.90 -11.75 12.41
CA GLN A 636 -4.96 -11.54 13.38
C GLN A 636 -4.97 -12.67 14.40
N LEU A 637 -5.48 -12.36 15.59
CA LEU A 637 -5.45 -13.27 16.72
C LEU A 637 -6.72 -14.11 16.78
N VAL A 638 -6.56 -15.34 17.26
CA VAL A 638 -7.67 -16.26 17.50
C VAL A 638 -7.74 -16.51 19.01
N ASN A 639 -8.91 -16.30 19.60
CA ASN A 639 -9.05 -16.31 21.04
C ASN A 639 -8.89 -17.69 21.66
N ILE A 640 -8.91 -18.76 20.85
CA ILE A 640 -8.86 -20.10 21.42
C ILE A 640 -7.51 -20.32 22.09
N TYR A 641 -7.55 -20.95 23.27
CA TYR A 641 -6.36 -21.43 23.96
C TYR A 641 -6.26 -22.94 23.73
N PHE A 642 -5.31 -23.36 22.90
CA PHE A 642 -5.08 -24.78 22.68
C PHE A 642 -4.14 -25.35 23.74
N THR A 643 -4.18 -26.66 23.89
CA THR A 643 -3.33 -27.35 24.86
C THR A 643 -1.89 -27.39 24.38
N ARG A 644 -0.99 -27.69 25.31
CA ARG A 644 0.42 -27.84 24.95
C ARG A 644 0.60 -28.94 23.93
N SER A 645 -0.14 -30.06 24.08
CA SER A 645 -0.03 -31.14 23.12
C SER A 645 -0.41 -30.68 21.72
N PHE A 646 -1.52 -29.94 21.61
CA PHE A 646 -2.02 -29.55 20.29
C PHE A 646 -1.00 -28.69 19.55
N TYR A 647 -0.41 -27.70 20.23
CA TYR A 647 0.55 -26.83 19.56
C TYR A 647 1.74 -27.61 19.04
N LYS A 648 2.18 -28.64 19.78
CA LYS A 648 3.27 -29.47 19.31
C LYS A 648 2.89 -30.22 18.04
N HIS A 649 1.64 -30.68 17.95
CA HIS A 649 1.17 -31.34 16.73
C HIS A 649 1.24 -30.40 15.53
N ILE A 650 0.94 -29.11 15.74
CA ILE A 650 1.03 -28.16 14.64
C ILE A 650 2.45 -28.13 14.09
N LEU A 651 3.45 -28.08 14.97
CA LEU A 651 4.85 -28.09 14.56
C LEU A 651 5.36 -29.49 14.24
N GLY A 652 4.59 -30.53 14.55
CA GLY A 652 5.04 -31.89 14.35
C GLY A 652 5.94 -32.44 15.43
N ILE A 653 6.18 -31.67 16.49
CA ILE A 653 7.08 -32.13 17.56
C ILE A 653 6.40 -33.25 18.33
N PRO A 654 7.04 -34.40 18.54
CA PRO A 654 6.40 -35.49 19.27
C PRO A 654 6.08 -35.10 20.71
N VAL A 655 4.98 -35.65 21.23
CA VAL A 655 4.59 -35.38 22.60
C VAL A 655 5.46 -36.18 23.57
N ASN A 656 5.51 -35.73 24.80
CA ASN A 656 6.31 -36.36 25.86
C ASN A 656 5.39 -36.80 27.00
N TYR A 657 6.01 -37.27 28.09
CA TYR A 657 5.24 -37.86 29.18
C TYR A 657 4.30 -36.84 29.83
N GLN A 658 4.75 -35.60 29.98
CA GLN A 658 3.92 -34.60 30.64
C GLN A 658 2.59 -34.41 29.91
N ASP A 659 2.58 -34.58 28.59
CA ASP A 659 1.33 -34.44 27.83
C ASP A 659 0.31 -35.49 28.23
N VAL A 660 0.73 -36.60 28.83
CA VAL A 660 -0.21 -37.64 29.24
C VAL A 660 -1.19 -37.08 30.27
N ALA A 661 -0.70 -36.24 31.18
CA ALA A 661 -1.56 -35.69 32.22
C ALA A 661 -2.71 -34.86 31.65
N SER A 662 -2.58 -34.40 30.41
CA SER A 662 -3.67 -33.62 29.80
C SER A 662 -4.98 -34.40 29.78
N ILE A 663 -4.91 -35.73 29.75
CA ILE A 663 -6.08 -36.58 29.73
C ILE A 663 -6.24 -37.35 31.03
N ASP A 664 -5.14 -37.87 31.58
CA ASP A 664 -5.18 -38.67 32.81
C ASP A 664 -3.96 -38.33 33.66
N PRO A 665 -4.09 -37.37 34.57
CA PRO A 665 -2.95 -37.03 35.44
C PRO A 665 -2.44 -38.22 36.25
N GLU A 666 -3.35 -39.09 36.71
CA GLU A 666 -2.92 -40.23 37.52
C GLU A 666 -2.01 -41.16 36.72
N TYR A 667 -2.35 -41.41 35.45
CA TYR A 667 -1.53 -42.29 34.63
C TYR A 667 -0.17 -41.67 34.36
N ALA A 668 -0.12 -40.35 34.16
CA ALA A 668 1.16 -39.68 33.95
C ALA A 668 2.07 -39.83 35.16
N LYS A 669 1.52 -39.70 36.37
CA LYS A 669 2.31 -39.87 37.57
C LYS A 669 2.93 -41.27 37.63
N ASN A 670 2.27 -42.26 37.03
CA ASN A 670 2.87 -43.60 36.96
C ASN A 670 3.99 -43.64 35.93
N LEU A 671 3.85 -42.92 34.82
CA LEU A 671 4.87 -42.92 33.79
C LEU A 671 6.12 -42.14 34.21
N GLN A 672 5.95 -41.09 35.02
CA GLN A 672 7.12 -40.38 35.52
C GLN A 672 7.80 -41.17 36.64
N TRP A 673 7.02 -41.87 37.47
CA TRP A 673 7.60 -42.67 38.54
C TRP A 673 8.39 -43.84 37.99
N ILE A 674 7.86 -44.53 36.96
CA ILE A 674 8.54 -45.69 36.41
C ILE A 674 9.90 -45.30 35.85
N LEU A 675 9.97 -44.15 35.18
CA LEU A 675 11.25 -43.67 34.67
C LEU A 675 12.21 -43.32 35.80
N ASP A 676 11.68 -42.71 36.87
CA ASP A 676 12.53 -42.22 37.96
C ASP A 676 13.10 -43.35 38.81
N ASN A 677 12.61 -44.58 38.66
CA ASN A 677 13.07 -45.70 39.48
C ASN A 677 13.34 -46.91 38.61
N ASP A 678 14.27 -47.74 39.05
CA ASP A 678 14.58 -48.98 38.33
C ASP A 678 13.48 -50.01 38.56
N ILE A 679 13.05 -50.65 37.48
CA ILE A 679 11.95 -51.61 37.52
C ILE A 679 12.40 -53.03 37.28
N SER A 680 13.70 -53.25 37.04
CA SER A 680 14.17 -54.61 36.80
C SER A 680 13.92 -55.51 38.00
N ASP A 681 14.18 -55.00 39.20
CA ASP A 681 14.00 -55.77 40.43
C ASP A 681 12.63 -55.59 41.06
N LEU A 682 11.79 -54.69 40.53
CA LEU A 682 10.48 -54.46 41.10
C LEU A 682 9.43 -55.48 40.64
N GLY A 683 9.73 -56.25 39.59
CA GLY A 683 8.82 -57.29 39.16
C GLY A 683 7.46 -56.77 38.69
N LEU A 684 7.46 -55.69 37.91
CA LEU A 684 6.20 -55.16 37.40
C LEU A 684 5.54 -56.14 36.43
N GLU A 685 6.33 -56.88 35.66
CA GLU A 685 5.80 -57.80 34.66
C GLU A 685 4.91 -57.07 33.67
N LEU A 686 5.42 -55.96 33.15
CA LEU A 686 4.72 -55.13 32.18
C LEU A 686 5.50 -55.12 30.88
N THR A 687 4.86 -55.56 29.79
CA THR A 687 5.48 -55.60 28.48
C THR A 687 5.04 -54.38 27.67
N PHE A 688 5.44 -54.34 26.40
CA PHE A 688 5.08 -53.25 25.50
C PHE A 688 3.65 -53.49 24.99
N SER A 689 2.70 -53.38 25.91
CA SER A 689 1.29 -53.56 25.57
C SER A 689 0.46 -52.84 26.63
N VAL A 690 -0.37 -51.89 26.20
CA VAL A 690 -1.21 -51.11 27.10
C VAL A 690 -2.59 -50.96 26.48
N GLU A 691 -3.62 -50.99 27.32
CA GLU A 691 -4.97 -50.78 26.84
C GLU A 691 -5.10 -49.40 26.21
N THR A 692 -5.78 -49.34 25.07
CA THR A 692 -5.98 -48.09 24.35
C THR A 692 -7.31 -48.13 23.62
N ASP A 693 -7.82 -46.95 23.30
CA ASP A 693 -9.09 -46.82 22.59
C ASP A 693 -8.88 -47.13 21.11
N VAL A 694 -9.61 -48.13 20.62
CA VAL A 694 -9.52 -48.55 19.22
C VAL A 694 -10.94 -48.49 18.66
N PHE A 695 -11.24 -47.43 17.91
CA PHE A 695 -12.57 -47.25 17.32
C PHE A 695 -13.66 -47.31 18.38
N GLY A 696 -13.38 -46.70 19.53
CA GLY A 696 -14.35 -46.66 20.62
C GLY A 696 -14.42 -47.91 21.46
N ALA A 697 -13.53 -48.88 21.24
CA ALA A 697 -13.53 -50.14 21.98
C ALA A 697 -12.23 -50.24 22.78
N MET A 698 -12.36 -50.59 24.06
CA MET A 698 -11.19 -50.76 24.92
C MET A 698 -10.61 -52.15 24.68
N GLU A 699 -9.40 -52.19 24.11
CA GLU A 699 -8.75 -53.45 23.79
C GLU A 699 -7.27 -53.36 24.12
N GLU A 700 -6.66 -54.52 24.32
CA GLU A 700 -5.23 -54.62 24.61
C GLU A 700 -4.49 -54.78 23.29
N VAL A 701 -3.65 -53.81 22.96
CA VAL A 701 -2.91 -53.82 21.68
C VAL A 701 -1.44 -53.55 21.97
N PRO A 702 -0.50 -54.29 21.37
CA PRO A 702 0.92 -53.99 21.60
C PRO A 702 1.30 -52.63 21.05
N LEU A 703 2.25 -51.99 21.73
CA LEU A 703 2.69 -50.65 21.31
C LEU A 703 3.52 -50.71 20.04
N LYS A 704 4.29 -51.78 19.85
CA LYS A 704 5.05 -52.03 18.63
C LYS A 704 4.84 -53.47 18.20
N PRO A 705 5.08 -53.78 16.92
CA PRO A 705 4.95 -55.17 16.46
C PRO A 705 5.72 -56.13 17.34
N GLY A 706 5.01 -57.05 17.99
CA GLY A 706 5.64 -57.97 18.92
C GLY A 706 5.98 -57.38 20.26
N GLY A 707 5.48 -56.19 20.58
CA GLY A 707 5.80 -55.58 21.86
C GLY A 707 5.30 -56.38 23.06
N GLY A 708 4.17 -57.07 22.89
CA GLY A 708 3.62 -57.83 24.00
C GLY A 708 4.59 -58.86 24.56
N SER A 709 5.51 -59.35 23.72
CA SER A 709 6.52 -60.31 24.15
C SER A 709 7.81 -59.65 24.62
N ILE A 710 7.89 -58.32 24.58
CA ILE A 710 9.08 -57.59 25.00
C ILE A 710 8.80 -57.00 26.38
N LEU A 711 9.55 -57.45 27.38
CA LEU A 711 9.38 -56.94 28.73
C LEU A 711 9.98 -55.55 28.85
N VAL A 712 9.34 -54.70 29.66
CA VAL A 712 9.81 -53.34 29.89
C VAL A 712 10.73 -53.35 31.11
N THR A 713 11.95 -52.84 30.94
CA THR A 713 12.94 -52.82 32.00
C THR A 713 13.66 -51.46 31.95
N GLN A 714 14.76 -51.36 32.69
CA GLN A 714 15.49 -50.10 32.76
C GLN A 714 16.00 -49.68 31.39
N ASN A 715 16.49 -50.63 30.60
CA ASN A 715 17.09 -50.29 29.32
C ASN A 715 16.07 -49.69 28.36
N ASN A 716 14.83 -50.21 28.37
CA ASN A 716 13.83 -49.83 27.37
C ASN A 716 12.62 -49.15 27.99
N LYS A 717 12.74 -48.63 29.21
CA LYS A 717 11.62 -47.90 29.80
C LYS A 717 11.47 -46.51 29.22
N ALA A 718 12.57 -45.90 28.77
CA ALA A 718 12.50 -44.53 28.26
C ALA A 718 11.57 -44.44 27.06
N GLU A 719 11.69 -45.37 26.12
CA GLU A 719 10.80 -45.37 24.96
C GLU A 719 9.41 -45.87 25.31
N TYR A 720 9.29 -46.76 26.30
CA TYR A 720 7.98 -47.30 26.66
C TYR A 720 7.02 -46.17 27.00
N VAL A 721 7.46 -45.22 27.83
CA VAL A 721 6.63 -44.05 28.12
C VAL A 721 6.41 -43.24 26.85
N GLN A 722 7.45 -43.07 26.04
CA GLN A 722 7.31 -42.31 24.80
C GLN A 722 6.28 -42.93 23.88
N LEU A 723 6.34 -44.26 23.70
CA LEU A 723 5.36 -44.92 22.84
C LEU A 723 3.95 -44.74 23.36
N VAL A 724 3.78 -44.84 24.69
CA VAL A 724 2.46 -44.70 25.29
C VAL A 724 1.84 -43.35 24.94
N THR A 725 2.68 -42.32 24.79
CA THR A 725 2.15 -40.98 24.55
C THR A 725 1.30 -40.94 23.28
N GLU A 726 1.91 -41.22 22.13
CA GLU A 726 1.15 -41.19 20.89
C GLU A 726 0.04 -42.24 20.90
N LEU A 727 0.21 -43.31 21.68
CA LEU A 727 -0.87 -44.28 21.84
C LEU A 727 -2.14 -43.59 22.33
N ARG A 728 -2.01 -42.67 23.28
CA ARG A 728 -3.20 -42.06 23.87
C ARG A 728 -3.65 -40.82 23.11
N MET A 729 -2.79 -39.80 23.02
CA MET A 729 -3.22 -38.50 22.50
C MET A 729 -3.08 -38.35 20.99
N THR A 730 -2.23 -39.15 20.33
CA THR A 730 -1.96 -38.93 18.91
C THR A 730 -2.67 -39.92 17.99
N ARG A 731 -2.52 -41.23 18.22
CA ARG A 731 -3.19 -42.21 17.38
C ARG A 731 -4.70 -42.09 17.51
N ALA A 732 -5.18 -41.90 18.74
CA ALA A 732 -6.61 -41.87 18.98
C ALA A 732 -7.28 -40.83 18.08
N ILE A 733 -6.69 -39.64 17.99
CA ILE A 733 -7.22 -38.57 17.15
C ILE A 733 -6.29 -38.29 15.96
N GLN A 734 -5.50 -39.28 15.55
CA GLN A 734 -4.61 -39.09 14.40
C GLN A 734 -5.36 -38.70 13.15
N PRO A 735 -6.47 -39.35 12.78
CA PRO A 735 -7.20 -38.91 11.58
C PRO A 735 -7.63 -37.45 11.65
N GLN A 736 -8.05 -36.99 12.82
CA GLN A 736 -8.42 -35.59 12.96
C GLN A 736 -7.21 -34.68 12.79
N ILE A 737 -6.08 -35.05 13.39
CA ILE A 737 -4.87 -34.24 13.27
C ILE A 737 -4.41 -34.18 11.82
N ASN A 738 -4.45 -35.32 11.12
CA ASN A 738 -4.01 -35.36 9.73
C ASN A 738 -4.78 -34.33 8.89
N ALA A 739 -6.10 -34.31 9.03
CA ALA A 739 -6.90 -33.32 8.29
C ALA A 739 -6.57 -31.91 8.72
N PHE A 740 -6.43 -31.68 10.04
CA PHE A 740 -6.15 -30.34 10.52
C PHE A 740 -4.81 -29.83 10.02
N LEU A 741 -3.78 -30.68 10.07
CA LEU A 741 -2.47 -30.29 9.57
C LEU A 741 -2.52 -29.99 8.08
N GLN A 742 -3.32 -30.76 7.32
CA GLN A 742 -3.45 -30.51 5.89
C GLN A 742 -3.96 -29.10 5.63
N GLY A 743 -5.01 -28.69 6.35
CA GLY A 743 -5.51 -27.34 6.17
C GLY A 743 -4.55 -26.28 6.64
N PHE A 744 -3.91 -26.49 7.80
CA PHE A 744 -3.06 -25.47 8.38
C PHE A 744 -1.86 -25.17 7.48
N HIS A 745 -1.22 -26.21 6.94
CA HIS A 745 -0.02 -26.01 6.13
C HIS A 745 -0.30 -25.42 4.76
N MET A 746 -1.58 -25.32 4.36
CA MET A 746 -1.88 -24.69 3.07
C MET A 746 -1.35 -23.26 3.02
N PHE A 747 -1.44 -22.53 4.14
CA PHE A 747 -1.01 -21.15 4.20
C PHE A 747 0.25 -20.93 5.01
N ILE A 748 0.64 -21.89 5.85
CA ILE A 748 1.81 -21.75 6.71
C ILE A 748 2.73 -22.95 6.47
N PRO A 749 3.78 -22.82 5.66
CA PRO A 749 4.64 -23.98 5.37
C PRO A 749 5.26 -24.54 6.64
N PRO A 750 5.42 -25.86 6.73
CA PRO A 750 5.97 -26.43 7.98
C PRO A 750 7.36 -25.91 8.31
N SER A 751 8.21 -25.71 7.31
CA SER A 751 9.57 -25.26 7.57
C SER A 751 9.59 -23.89 8.23
N LEU A 752 8.77 -22.97 7.72
CA LEU A 752 8.74 -21.61 8.27
C LEU A 752 8.26 -21.61 9.72
N ILE A 753 7.21 -22.37 10.01
CA ILE A 753 6.66 -22.39 11.37
C ILE A 753 7.52 -23.23 12.30
N GLN A 754 8.25 -24.22 11.77
CA GLN A 754 9.10 -25.06 12.61
C GLN A 754 10.12 -24.21 13.35
N LEU A 755 10.49 -23.06 12.80
CA LEU A 755 11.51 -22.23 13.42
C LEU A 755 11.15 -21.84 14.85
N PHE A 756 9.86 -21.77 15.17
CA PHE A 756 9.40 -21.39 16.50
C PHE A 756 8.87 -22.61 17.24
N ASP A 757 8.99 -22.58 18.56
CA ASP A 757 8.54 -23.68 19.41
C ASP A 757 7.05 -23.50 19.74
N GLU A 758 6.52 -24.38 20.60
CA GLU A 758 5.11 -24.31 20.94
C GLU A 758 4.76 -23.02 21.66
N TYR A 759 5.60 -22.59 22.60
CA TYR A 759 5.29 -21.38 23.36
C TYR A 759 5.23 -20.15 22.46
N GLU A 760 6.23 -20.00 21.58
CA GLU A 760 6.26 -18.84 20.71
C GLU A 760 5.08 -18.83 19.74
N LEU A 761 4.67 -20.02 19.28
CA LEU A 761 3.56 -20.10 18.33
C LEU A 761 2.27 -19.59 18.97
N GLU A 762 1.99 -19.99 20.21
CA GLU A 762 0.77 -19.56 20.87
C GLU A 762 0.75 -18.04 21.07
N LEU A 763 1.89 -17.48 21.50
CA LEU A 763 1.95 -16.03 21.69
C LEU A 763 1.63 -15.29 20.41
N LEU A 764 2.18 -15.75 19.28
CA LEU A 764 1.85 -15.16 17.99
C LEU A 764 0.42 -15.50 17.58
N LEU A 765 0.01 -16.75 17.80
CA LEU A 765 -1.27 -17.22 17.27
C LEU A 765 -2.45 -16.71 18.11
N SER A 766 -2.28 -16.57 19.42
CA SER A 766 -3.36 -16.17 20.31
C SER A 766 -3.16 -14.81 20.96
N GLY A 767 -1.93 -14.39 21.21
CA GLY A 767 -1.64 -13.05 21.69
C GLY A 767 -1.14 -13.04 23.13
N MET A 768 -0.94 -11.81 23.60
CA MET A 768 -0.35 -11.56 24.92
C MET A 768 -1.37 -11.84 26.01
N PRO A 769 -1.02 -12.65 27.03
CA PRO A 769 -1.99 -12.94 28.10
C PRO A 769 -2.13 -11.83 29.14
N GLU A 770 -1.07 -11.06 29.38
CA GLU A 770 -1.06 -10.02 30.41
C GLU A 770 -0.98 -8.65 29.74
N ILE A 771 -1.82 -7.72 30.21
CA ILE A 771 -1.91 -6.39 29.62
C ILE A 771 -1.99 -5.35 30.73
N ASP A 772 -1.72 -4.10 30.35
CA ASP A 772 -1.83 -2.96 31.25
C ASP A 772 -1.85 -1.67 30.45
N VAL A 773 -2.77 -0.75 30.78
CA VAL A 773 -2.90 0.48 30.02
C VAL A 773 -1.65 1.35 30.15
N SER A 774 -0.84 1.15 31.18
CA SER A 774 0.36 1.96 31.35
C SER A 774 1.28 1.87 30.13
N ASP A 775 1.23 0.75 29.41
CA ASP A 775 2.05 0.61 28.21
C ASP A 775 1.63 1.62 27.14
N TRP A 776 0.32 1.80 26.95
CA TRP A 776 -0.17 2.75 25.96
C TRP A 776 0.34 4.15 26.26
N ILE A 777 0.31 4.54 27.54
CA ILE A 777 0.69 5.89 27.96
C ILE A 777 2.15 6.00 28.40
N LYS A 778 2.84 4.87 28.58
CA LYS A 778 4.26 4.87 28.90
C LYS A 778 4.56 5.72 30.14
N ASN A 779 3.69 5.62 31.15
CA ASN A 779 3.91 6.33 32.40
C ASN A 779 3.08 5.66 33.48
N THR A 780 3.32 6.07 34.72
CA THR A 780 2.62 5.51 35.88
C THR A 780 1.74 6.53 36.58
N GLU A 781 2.27 7.72 36.88
CA GLU A 781 1.52 8.73 37.64
C GLU A 781 1.90 10.11 37.12
N TYR A 782 1.03 10.69 36.29
CA TYR A 782 1.12 12.10 35.91
C TYR A 782 -0.09 12.85 36.42
N THR A 783 0.10 14.15 36.66
CA THR A 783 -1.02 15.01 37.01
C THR A 783 -1.89 15.33 35.80
N SER A 784 -1.38 15.13 34.59
CA SER A 784 -2.14 15.40 33.38
C SER A 784 -1.68 14.44 32.29
N GLY A 785 -2.56 14.21 31.32
CA GLY A 785 -2.26 13.31 30.21
C GLY A 785 -1.84 14.05 28.96
N TYR A 786 -2.67 13.99 27.92
CA TYR A 786 -2.43 14.70 26.67
C TYR A 786 -2.90 16.15 26.72
N GLU A 787 -3.11 16.71 27.90
CA GLU A 787 -3.63 18.07 28.06
C GLU A 787 -5.02 18.19 27.45
N ARG A 788 -5.77 17.08 27.44
CA ARG A 788 -7.13 17.05 26.91
C ARG A 788 -8.04 16.46 27.98
N GLU A 789 -8.98 17.28 28.47
CA GLU A 789 -9.89 16.88 29.55
C GLU A 789 -9.15 16.10 30.63
N ASP A 790 -8.04 16.66 31.08
CA ASP A 790 -7.18 15.98 32.06
C ASP A 790 -7.94 15.50 33.29
N PRO A 791 -8.79 16.32 33.95
CA PRO A 791 -9.54 15.78 35.09
C PRO A 791 -10.37 14.56 34.73
N VAL A 792 -10.94 14.54 33.53
CA VAL A 792 -11.65 13.35 33.08
C VAL A 792 -10.68 12.20 32.85
N ILE A 793 -9.51 12.49 32.30
CA ILE A 793 -8.51 11.45 32.07
C ILE A 793 -8.08 10.84 33.40
N GLN A 794 -7.88 11.68 34.42
CA GLN A 794 -7.50 11.15 35.73
C GLN A 794 -8.58 10.21 36.27
N TRP A 795 -9.85 10.60 36.14
CA TRP A 795 -10.93 9.70 36.50
C TRP A 795 -10.92 8.45 35.63
N PHE A 796 -10.62 8.62 34.33
CA PHE A 796 -10.51 7.47 33.46
C PHE A 796 -9.39 6.53 33.92
N TRP A 797 -8.30 7.10 34.43
CA TRP A 797 -7.24 6.27 35.00
C TRP A 797 -7.67 5.64 36.31
N GLU A 798 -8.46 6.36 37.12
CA GLU A 798 -8.89 5.82 38.41
C GLU A 798 -9.89 4.68 38.23
N VAL A 799 -10.78 4.78 37.24
CA VAL A 799 -11.77 3.73 37.04
C VAL A 799 -11.14 2.46 36.53
N VAL A 800 -10.20 2.58 35.58
CA VAL A 800 -9.62 1.38 34.96
C VAL A 800 -8.88 0.53 35.99
N GLU A 801 -8.13 1.17 36.89
CA GLU A 801 -7.41 0.40 37.91
C GLU A 801 -8.40 -0.23 38.89
N ASP A 802 -9.48 0.48 39.23
CA ASP A 802 -10.46 -0.06 40.16
C ASP A 802 -11.12 -1.30 39.60
N ILE A 803 -11.54 -1.25 38.34
CA ILE A 803 -12.18 -2.41 37.71
C ILE A 803 -11.17 -3.54 37.60
N THR A 804 -11.67 -4.77 37.73
CA THR A 804 -10.78 -5.94 37.69
C THR A 804 -10.20 -6.10 36.28
N GLN A 805 -9.14 -6.90 36.20
CA GLN A 805 -8.42 -7.07 34.94
C GLN A 805 -9.32 -7.67 33.87
N GLU A 806 -10.17 -8.65 34.24
CA GLU A 806 -10.95 -9.37 33.24
C GLU A 806 -11.88 -8.44 32.49
N GLU A 807 -12.56 -7.53 33.20
CA GLU A 807 -13.52 -6.65 32.54
C GLU A 807 -12.85 -5.53 31.76
N ARG A 808 -11.59 -5.20 32.08
CA ARG A 808 -10.85 -4.26 31.24
C ARG A 808 -10.57 -4.85 29.87
N VAL A 809 -10.35 -6.17 29.79
CA VAL A 809 -10.16 -6.82 28.50
C VAL A 809 -11.41 -6.69 27.64
N LEU A 810 -12.59 -6.87 28.27
CA LEU A 810 -13.84 -6.73 27.52
C LEU A 810 -13.97 -5.35 26.91
N LEU A 811 -13.48 -4.32 27.60
CA LEU A 811 -13.48 -2.97 27.03
C LEU A 811 -12.64 -2.94 25.76
N LEU A 812 -11.46 -3.56 25.79
CA LEU A 812 -10.64 -3.66 24.59
C LEU A 812 -11.29 -4.56 23.55
N GLN A 813 -12.04 -5.57 23.99
CA GLN A 813 -12.73 -6.45 23.05
C GLN A 813 -13.74 -5.70 22.21
N PHE A 814 -14.51 -4.81 22.84
CA PHE A 814 -15.54 -4.07 22.11
C PHE A 814 -14.94 -3.21 21.01
N VAL A 815 -13.89 -2.45 21.33
CA VAL A 815 -13.28 -1.58 20.34
C VAL A 815 -12.52 -2.39 19.30
N THR A 816 -11.77 -3.40 19.73
CA THR A 816 -10.93 -4.16 18.81
C THR A 816 -11.73 -5.26 18.11
N GLY A 817 -12.59 -5.97 18.85
CA GLY A 817 -13.34 -7.08 18.32
C GLY A 817 -12.78 -8.45 18.66
N SER A 818 -11.62 -8.51 19.32
CA SER A 818 -11.02 -9.77 19.73
C SER A 818 -10.73 -9.71 21.23
N SER A 819 -11.05 -10.79 21.93
CA SER A 819 -10.84 -10.82 23.38
C SER A 819 -9.36 -10.76 23.73
N ARG A 820 -8.49 -11.28 22.87
CA ARG A 820 -7.07 -11.29 23.14
C ARG A 820 -6.43 -9.96 22.71
N VAL A 821 -5.14 -9.82 23.02
CA VAL A 821 -4.40 -8.59 22.75
C VAL A 821 -3.12 -8.97 22.02
N PRO A 822 -2.69 -8.18 21.03
CA PRO A 822 -1.49 -8.57 20.26
C PRO A 822 -0.22 -8.51 21.10
N HIS A 823 0.77 -9.26 20.64
CA HIS A 823 2.07 -9.29 21.30
C HIS A 823 2.74 -7.92 21.22
N GLY A 824 3.59 -7.63 22.21
CA GLY A 824 4.28 -6.37 22.27
C GLY A 824 3.49 -5.25 22.93
N GLY A 825 2.28 -5.52 23.40
CA GLY A 825 1.49 -4.50 24.06
C GLY A 825 0.85 -3.55 23.08
N PHE A 826 0.54 -2.36 23.59
CA PHE A 826 -0.14 -1.34 22.78
C PHE A 826 0.74 -0.78 21.67
N ALA A 827 2.04 -1.06 21.68
CA ALA A 827 2.92 -0.58 20.62
C ALA A 827 2.69 -1.29 19.30
N ASN A 828 1.93 -2.39 19.29
CA ASN A 828 1.71 -3.21 18.09
C ASN A 828 0.22 -3.50 17.94
N ILE A 829 -0.61 -2.45 18.07
CA ILE A 829 -2.04 -2.59 17.87
C ILE A 829 -2.33 -2.58 16.37
N MET A 830 -3.08 -3.58 15.91
CA MET A 830 -3.51 -3.65 14.52
C MET A 830 -4.94 -3.14 14.42
N GLY A 831 -5.13 -2.09 13.62
CA GLY A 831 -6.46 -1.52 13.41
C GLY A 831 -6.99 -1.83 12.03
N GLY A 832 -7.74 -0.89 11.46
CA GLY A 832 -8.29 -1.10 10.13
C GLY A 832 -7.21 -1.21 9.06
N SER A 833 -6.16 -0.39 9.18
CA SER A 833 -5.07 -0.34 8.22
C SER A 833 -3.78 -0.92 8.79
N GLY A 834 -3.91 -2.00 9.55
CA GLY A 834 -2.73 -2.62 10.14
C GLY A 834 -2.27 -1.86 11.36
N LEU A 835 -0.97 -1.60 11.44
CA LEU A 835 -0.42 -0.87 12.57
C LEU A 835 -1.12 0.48 12.73
N GLN A 836 -1.78 0.66 13.87
CA GLN A 836 -2.49 1.91 14.15
C GLN A 836 -2.53 2.08 15.66
N ASN A 837 -1.85 3.11 16.16
CA ASN A 837 -1.80 3.36 17.59
C ASN A 837 -3.20 3.69 18.11
N PHE A 838 -3.53 3.12 19.26
CA PHE A 838 -4.84 3.35 19.86
C PHE A 838 -4.99 4.81 20.28
N THR A 839 -6.17 5.37 20.05
CA THR A 839 -6.44 6.76 20.37
C THR A 839 -7.89 6.91 20.82
N ILE A 840 -8.16 8.01 21.53
CA ILE A 840 -9.48 8.32 22.06
C ILE A 840 -9.86 9.71 21.59
N ALA A 841 -11.07 9.86 21.08
CA ALA A 841 -11.58 11.13 20.59
C ALA A 841 -12.65 11.66 21.54
N ALA A 842 -12.49 12.93 21.94
CA ALA A 842 -13.45 13.54 22.85
C ALA A 842 -14.74 13.88 22.11
N VAL A 843 -15.85 13.77 22.83
CA VAL A 843 -17.17 14.06 22.29
C VAL A 843 -17.94 14.92 23.30
N PRO A 844 -18.78 15.85 22.87
CA PRO A 844 -19.60 16.60 23.83
C PRO A 844 -20.53 15.66 24.60
N TYR A 845 -20.75 15.99 25.88
CA TYR A 845 -21.49 15.12 26.77
C TYR A 845 -22.98 15.42 26.70
N THR A 846 -23.78 14.37 26.65
CA THR A 846 -25.24 14.47 26.71
C THR A 846 -25.77 13.47 27.72
N PRO A 847 -26.92 13.75 28.33
CA PRO A 847 -27.44 12.84 29.37
C PRO A 847 -27.65 11.44 28.84
N ASN A 848 -27.34 10.45 29.66
CA ASN A 848 -27.50 9.04 29.32
C ASN A 848 -26.86 8.73 27.97
N LEU A 849 -25.61 9.15 27.81
CA LEU A 849 -24.83 8.91 26.60
C LEU A 849 -23.78 7.86 26.88
N LEU A 850 -23.75 6.80 26.07
CA LEU A 850 -22.77 5.74 26.22
C LEU A 850 -21.65 5.89 25.19
N PRO A 851 -20.44 5.45 25.52
CA PRO A 851 -19.34 5.57 24.55
C PRO A 851 -19.57 4.66 23.36
N THR A 852 -19.03 5.10 22.21
CA THR A 852 -19.18 4.36 20.96
C THR A 852 -17.85 4.33 20.24
N SER A 853 -17.70 3.36 19.35
CA SER A 853 -16.46 3.20 18.58
C SER A 853 -16.75 2.51 17.26
N SER A 854 -16.18 3.05 16.18
CA SER A 854 -16.23 2.39 14.88
C SER A 854 -15.18 1.29 14.89
N THR A 855 -15.62 0.03 14.95
CA THR A 855 -14.72 -1.06 15.28
C THR A 855 -13.61 -1.26 14.25
N CYS A 856 -13.81 -0.83 12.99
CA CYS A 856 -12.75 -1.01 12.01
C CYS A 856 -11.50 -0.23 12.40
N ILE A 857 -11.68 1.00 12.89
CA ILE A 857 -10.58 1.82 13.38
C ILE A 857 -10.53 1.69 14.89
N ASN A 858 -9.37 1.29 15.41
CA ASN A 858 -9.20 1.07 16.84
C ASN A 858 -9.11 2.41 17.55
N MET A 859 -10.25 3.11 17.57
CA MET A 859 -10.37 4.41 18.22
C MET A 859 -11.68 4.45 18.99
N LEU A 860 -11.71 5.28 20.03
CA LEU A 860 -12.85 5.36 20.94
C LEU A 860 -13.41 6.77 20.96
N LYS A 861 -14.74 6.87 20.95
CA LYS A 861 -15.44 8.15 21.06
C LYS A 861 -15.91 8.27 22.51
N LEU A 862 -15.09 8.92 23.34
CA LEU A 862 -15.36 9.04 24.76
C LEU A 862 -16.03 10.37 25.05
N PRO A 863 -17.29 10.40 25.50
CA PRO A 863 -17.91 11.69 25.84
C PRO A 863 -17.22 12.35 27.02
N GLU A 864 -17.31 13.69 27.04
CA GLU A 864 -16.68 14.50 28.08
C GLU A 864 -17.56 14.48 29.33
N TYR A 865 -17.51 13.34 30.03
CA TYR A 865 -18.30 13.17 31.24
C TYR A 865 -17.87 14.19 32.29
N PRO A 866 -18.81 14.94 32.90
CA PRO A 866 -18.40 15.95 33.88
C PRO A 866 -17.97 15.37 35.22
N SER A 867 -18.36 14.15 35.55
CA SER A 867 -18.03 13.54 36.83
C SER A 867 -17.57 12.11 36.62
N LYS A 868 -16.75 11.62 37.56
CA LYS A 868 -16.27 10.24 37.47
C LYS A 868 -17.42 9.25 37.62
N GLU A 869 -18.39 9.56 38.48
CA GLU A 869 -19.51 8.65 38.70
C GLU A 869 -20.26 8.40 37.40
N ILE A 870 -20.54 9.46 36.64
CA ILE A 870 -21.17 9.28 35.34
C ILE A 870 -20.26 8.48 34.42
N LEU A 871 -18.96 8.78 34.44
CA LEU A 871 -18.03 8.09 33.55
C LEU A 871 -18.07 6.58 33.77
N LYS A 872 -18.02 6.15 35.04
CA LYS A 872 -17.97 4.72 35.31
C LYS A 872 -19.33 4.05 35.09
N ASP A 873 -20.42 4.73 35.44
CA ASP A 873 -21.74 4.15 35.22
C ASP A 873 -22.00 3.92 33.73
N ARG A 874 -21.67 4.91 32.89
CA ARG A 874 -21.99 4.81 31.47
C ARG A 874 -21.23 3.67 30.82
N LEU A 875 -19.94 3.54 31.10
CA LEU A 875 -19.16 2.44 30.52
C LEU A 875 -19.64 1.10 31.04
N LEU A 876 -20.07 1.03 32.30
CA LEU A 876 -20.62 -0.21 32.82
C LEU A 876 -21.90 -0.59 32.08
N VAL A 877 -22.76 0.39 31.80
CA VAL A 877 -23.98 0.11 31.03
C VAL A 877 -23.61 -0.37 29.64
N ALA A 878 -22.61 0.26 29.01
CA ALA A 878 -22.17 -0.17 27.70
C ALA A 878 -21.68 -1.61 27.72
N LEU A 879 -20.99 -2.00 28.80
CA LEU A 879 -20.54 -3.38 28.93
C LEU A 879 -21.73 -4.34 28.94
N HIS A 880 -22.78 -4.00 29.69
CA HIS A 880 -23.96 -4.86 29.74
C HIS A 880 -24.59 -5.00 28.36
N CYS A 881 -24.81 -3.87 27.67
CA CYS A 881 -25.42 -3.92 26.35
C CYS A 881 -24.42 -4.43 25.30
N GLY A 882 -23.14 -4.10 25.46
CA GLY A 882 -22.14 -4.49 24.51
C GLY A 882 -21.71 -5.94 24.57
N SER A 883 -22.14 -6.67 25.59
CA SER A 883 -21.78 -8.08 25.73
C SER A 883 -22.28 -8.89 24.55
N MET B 22 -11.68 5.86 -31.22
CA MET B 22 -11.38 6.82 -30.11
C MET B 22 -12.55 6.90 -29.14
N GLN B 23 -12.23 7.04 -27.85
CA GLN B 23 -13.24 7.13 -26.80
C GLN B 23 -12.92 8.32 -25.91
N ALA B 24 -13.97 8.88 -25.30
CA ALA B 24 -13.84 10.04 -24.42
C ALA B 24 -14.62 9.78 -23.13
N ILE B 25 -14.10 10.35 -22.04
CA ILE B 25 -14.73 10.22 -20.73
C ILE B 25 -14.86 11.61 -20.13
N LYS B 26 -15.85 11.78 -19.25
CA LYS B 26 -16.11 13.04 -18.57
C LYS B 26 -15.75 12.91 -17.10
N CYS B 27 -14.97 13.87 -16.60
CA CYS B 27 -14.56 13.89 -15.21
C CYS B 27 -14.87 15.27 -14.63
N VAL B 28 -15.28 15.29 -13.36
CA VAL B 28 -15.73 16.52 -12.72
C VAL B 28 -15.05 16.64 -11.35
N VAL B 29 -14.77 17.88 -10.98
CA VAL B 29 -14.21 18.21 -9.67
C VAL B 29 -15.27 18.96 -8.88
N VAL B 30 -15.52 18.51 -7.66
CA VAL B 30 -16.52 19.12 -6.78
C VAL B 30 -15.91 19.28 -5.39
N GLY B 31 -16.13 20.44 -4.80
CA GLY B 31 -15.57 20.72 -3.49
C GLY B 31 -15.86 22.15 -3.08
N ASP B 32 -15.57 22.44 -1.83
CA ASP B 32 -15.84 23.77 -1.28
C ASP B 32 -14.97 24.81 -1.96
N GLY B 33 -15.39 26.07 -1.85
CA GLY B 33 -14.59 27.16 -2.36
C GLY B 33 -13.33 27.36 -1.54
N ALA B 34 -12.31 27.93 -2.18
CA ALA B 34 -11.02 28.17 -1.56
C ALA B 34 -10.34 26.87 -1.15
N VAL B 35 -10.65 25.79 -1.86
CA VAL B 35 -10.05 24.48 -1.56
C VAL B 35 -8.79 24.26 -2.37
N GLY B 36 -8.80 24.64 -3.64
CA GLY B 36 -7.65 24.45 -4.51
C GLY B 36 -7.99 23.71 -5.79
N LYS B 37 -9.27 23.66 -6.13
CA LYS B 37 -9.68 23.01 -7.37
C LYS B 37 -9.12 23.72 -8.59
N THR B 38 -9.17 25.06 -8.58
CA THR B 38 -8.60 25.83 -9.69
C THR B 38 -7.09 25.60 -9.79
N CYS B 39 -6.41 25.58 -8.65
CA CYS B 39 -4.96 25.37 -8.67
C CYS B 39 -4.59 23.99 -9.17
N LEU B 40 -5.41 22.98 -8.85
CA LEU B 40 -5.08 21.60 -9.24
C LEU B 40 -4.99 21.46 -10.74
N LEU B 41 -5.96 22.01 -11.48
CA LEU B 41 -6.03 21.81 -12.92
C LEU B 41 -5.16 22.77 -13.70
N ILE B 42 -4.99 24.00 -13.22
CA ILE B 42 -4.07 24.92 -13.88
C ILE B 42 -2.63 24.48 -13.68
N SER B 43 -2.28 24.05 -12.46
CA SER B 43 -0.92 23.59 -12.21
C SER B 43 -0.59 22.34 -13.02
N TYR B 44 -1.54 21.40 -13.08
CA TYR B 44 -1.29 20.16 -13.83
C TYR B 44 -1.09 20.44 -15.31
N THR B 45 -1.91 21.34 -15.88
CA THR B 45 -1.89 21.57 -17.32
C THR B 45 -0.89 22.62 -17.75
N THR B 46 -0.39 23.45 -16.85
CA THR B 46 0.50 24.54 -17.24
C THR B 46 1.70 24.71 -16.32
N ASN B 47 1.81 23.96 -15.22
CA ASN B 47 2.91 24.07 -14.27
C ASN B 47 3.01 25.46 -13.64
N ALA B 48 2.00 26.29 -13.80
CA ALA B 48 2.01 27.67 -13.32
C ALA B 48 1.06 27.79 -12.13
N PHE B 49 1.52 28.46 -11.07
CA PHE B 49 0.74 28.64 -9.86
C PHE B 49 0.29 30.09 -9.74
N PRO B 50 -1.02 30.37 -9.71
CA PRO B 50 -1.47 31.75 -9.53
C PRO B 50 -1.03 32.30 -8.19
N GLY B 51 -0.80 33.61 -8.15
CA GLY B 51 -0.37 34.28 -6.94
C GLY B 51 -1.50 34.93 -6.16
N GLU B 52 -2.64 35.17 -6.81
CA GLU B 52 -3.74 35.88 -6.21
C GLU B 52 -4.90 34.93 -5.91
N TYR B 53 -5.93 35.49 -5.27
CA TYR B 53 -7.08 34.74 -4.76
C TYR B 53 -8.31 35.11 -5.59
N ILE B 54 -8.70 34.21 -6.49
CA ILE B 54 -9.81 34.47 -7.40
C ILE B 54 -10.78 33.29 -7.44
N PRO B 55 -11.96 33.39 -6.84
CA PRO B 55 -12.99 32.37 -7.08
C PRO B 55 -13.39 32.35 -8.55
N THR B 56 -14.13 31.30 -8.93
CA THR B 56 -14.48 31.04 -10.31
C THR B 56 -15.97 30.78 -10.43
N VAL B 57 -16.43 30.68 -11.68
CA VAL B 57 -17.84 30.39 -11.97
C VAL B 57 -17.93 29.18 -12.88
N PHE B 58 -16.88 28.93 -13.67
CA PHE B 58 -16.89 27.82 -14.62
C PHE B 58 -15.51 27.71 -15.24
N ASP B 59 -15.11 26.48 -15.55
CA ASP B 59 -13.78 26.18 -16.08
C ASP B 59 -13.86 24.88 -16.86
N ASN B 60 -12.81 24.63 -17.65
CA ASN B 60 -12.74 23.42 -18.45
C ASN B 60 -11.28 23.15 -18.78
N TYR B 61 -10.94 21.86 -18.94
CA TYR B 61 -9.59 21.43 -19.28
C TYR B 61 -9.68 20.14 -20.08
N SER B 62 -8.53 19.62 -20.47
CA SER B 62 -8.47 18.39 -21.25
C SER B 62 -7.08 17.79 -21.15
N ALA B 63 -6.99 16.51 -21.50
CA ALA B 63 -5.72 15.78 -21.53
C ALA B 63 -5.92 14.56 -22.42
N ASN B 64 -4.93 13.67 -22.44
CA ASN B 64 -4.97 12.49 -23.29
C ASN B 64 -4.35 11.31 -22.57
N VAL B 65 -4.80 10.11 -22.97
CA VAL B 65 -4.23 8.84 -22.49
C VAL B 65 -4.35 7.83 -23.62
N MET B 66 -3.83 6.62 -23.39
CA MET B 66 -3.81 5.58 -24.42
C MET B 66 -4.45 4.31 -23.89
N VAL B 67 -5.18 3.62 -24.76
CA VAL B 67 -5.83 2.36 -24.40
C VAL B 67 -5.82 1.43 -25.59
N ASP B 68 -5.07 0.33 -25.47
CA ASP B 68 -5.04 -0.72 -26.50
C ASP B 68 -4.65 -0.13 -27.86
N GLY B 69 -3.74 0.84 -27.85
CA GLY B 69 -3.28 1.47 -29.07
C GLY B 69 -4.20 2.51 -29.65
N LYS B 70 -5.34 2.78 -29.02
CA LYS B 70 -6.28 3.79 -29.48
C LYS B 70 -6.35 4.92 -28.48
N PRO B 71 -6.14 6.17 -28.90
CA PRO B 71 -6.15 7.28 -27.93
C PRO B 71 -7.51 7.42 -27.26
N VAL B 72 -7.48 7.83 -26.00
CA VAL B 72 -8.69 8.09 -25.22
C VAL B 72 -8.56 9.47 -24.61
N ASN B 73 -9.55 10.32 -24.85
CA ASN B 73 -9.51 11.70 -24.38
C ASN B 73 -10.06 11.80 -22.96
N LEU B 74 -9.52 12.76 -22.21
CA LEU B 74 -9.96 13.04 -20.85
C LEU B 74 -10.52 14.45 -20.80
N GLY B 75 -11.77 14.56 -20.35
CA GLY B 75 -12.44 15.85 -20.21
C GLY B 75 -12.65 16.17 -18.74
N LEU B 76 -12.22 17.36 -18.34
CA LEU B 76 -12.26 17.78 -16.95
C LEU B 76 -13.09 19.05 -16.81
N TRP B 77 -14.10 18.99 -15.95
CA TRP B 77 -14.96 20.13 -15.66
C TRP B 77 -14.79 20.54 -14.20
N ASP B 78 -15.04 21.82 -13.92
CA ASP B 78 -14.94 22.35 -12.57
C ASP B 78 -16.18 23.21 -12.29
N THR B 79 -16.45 23.40 -11.00
CA THR B 79 -17.65 24.10 -10.57
C THR B 79 -17.33 24.96 -9.35
N ALA B 80 -18.18 25.96 -9.12
CA ALA B 80 -18.02 26.91 -8.03
C ALA B 80 -18.84 26.44 -6.82
N GLY B 81 -18.97 27.32 -5.82
CA GLY B 81 -19.59 26.96 -4.56
C GLY B 81 -20.75 27.82 -4.12
N LEU B 82 -21.10 28.84 -4.92
CA LEU B 82 -22.17 29.74 -4.52
C LEU B 82 -23.52 29.04 -4.56
N GLU B 83 -24.49 29.64 -3.87
CA GLU B 83 -25.83 29.06 -3.79
C GLU B 83 -26.46 28.93 -5.16
N ASP B 84 -26.33 29.98 -5.99
CA ASP B 84 -26.85 29.90 -7.35
C ASP B 84 -26.21 28.77 -8.12
N TYR B 85 -24.90 28.58 -7.94
CA TYR B 85 -24.18 27.51 -8.62
C TYR B 85 -24.33 26.16 -7.93
N ASP B 86 -24.92 26.13 -6.72
CA ASP B 86 -25.25 24.86 -6.10
C ASP B 86 -26.34 24.12 -6.87
N ARG B 87 -27.10 24.83 -7.69
CA ARG B 87 -28.10 24.23 -8.57
C ARG B 87 -27.60 24.05 -9.98
N LEU B 88 -26.79 24.98 -10.49
CA LEU B 88 -26.19 24.80 -11.81
C LEU B 88 -25.15 23.69 -11.80
N ARG B 89 -24.42 23.53 -10.70
CA ARG B 89 -23.46 22.43 -10.61
C ARG B 89 -24.11 21.07 -10.87
N PRO B 90 -25.28 20.75 -10.30
CA PRO B 90 -25.98 19.53 -10.74
C PRO B 90 -26.23 19.48 -12.24
N LEU B 91 -26.52 20.63 -12.86
CA LEU B 91 -26.79 20.64 -14.29
C LEU B 91 -25.58 20.23 -15.12
N SER B 92 -24.37 20.31 -14.55
CA SER B 92 -23.16 19.88 -15.25
C SER B 92 -22.83 18.41 -15.03
N TYR B 93 -23.53 17.72 -14.13
CA TYR B 93 -23.30 16.32 -13.84
C TYR B 93 -23.76 15.37 -14.94
N PRO B 94 -24.81 15.67 -15.71
CA PRO B 94 -25.39 14.65 -16.60
C PRO B 94 -24.33 13.97 -17.46
N GLN B 95 -24.43 12.65 -17.56
CA GLN B 95 -23.52 11.82 -18.34
C GLN B 95 -22.08 11.94 -17.83
N THR B 96 -21.92 12.23 -16.54
CA THR B 96 -20.60 12.20 -15.93
C THR B 96 -20.19 10.76 -15.67
N ASP B 97 -18.90 10.46 -15.91
CA ASP B 97 -18.39 9.11 -15.76
C ASP B 97 -17.46 8.95 -14.57
N VAL B 98 -16.92 10.03 -14.03
CA VAL B 98 -16.11 10.00 -12.82
C VAL B 98 -16.31 11.30 -12.06
N PHE B 99 -16.22 11.22 -10.73
CA PHE B 99 -16.28 12.37 -9.85
C PHE B 99 -15.01 12.43 -9.00
N LEU B 100 -14.55 13.66 -8.74
CA LEU B 100 -13.42 13.91 -7.85
C LEU B 100 -13.89 14.88 -6.76
N ILE B 101 -14.44 14.33 -5.67
CA ILE B 101 -14.77 15.17 -4.53
C ILE B 101 -13.50 15.65 -3.87
N CYS B 102 -13.41 16.95 -3.64
CA CYS B 102 -12.21 17.58 -3.12
C CYS B 102 -12.53 18.34 -1.84
N PHE B 103 -11.53 18.43 -0.95
CA PHE B 103 -11.66 19.18 0.29
C PHE B 103 -10.27 19.69 0.66
N SER B 104 -10.27 20.74 1.48
CA SER B 104 -9.03 21.39 1.90
C SER B 104 -8.47 20.63 3.10
N LEU B 105 -7.22 20.19 2.99
CA LEU B 105 -6.59 19.42 4.06
C LEU B 105 -6.31 20.25 5.30
N VAL B 106 -6.22 21.58 5.17
CA VAL B 106 -5.93 22.45 6.30
C VAL B 106 -7.20 23.08 6.89
N SER B 107 -8.34 22.94 6.23
CA SER B 107 -9.60 23.51 6.71
C SER B 107 -10.52 22.38 7.16
N PRO B 108 -10.63 22.09 8.46
CA PRO B 108 -11.54 21.02 8.91
C PRO B 108 -12.99 21.26 8.53
N ALA B 109 -13.42 22.52 8.46
CA ALA B 109 -14.83 22.79 8.17
C ALA B 109 -15.23 22.22 6.81
N SER B 110 -14.39 22.39 5.79
CA SER B 110 -14.68 21.82 4.49
C SER B 110 -14.74 20.29 4.55
N PHE B 111 -13.83 19.68 5.29
CA PHE B 111 -13.85 18.22 5.44
C PHE B 111 -15.14 17.77 6.11
N GLU B 112 -15.58 18.48 7.16
CA GLU B 112 -16.85 18.16 7.79
C GLU B 112 -18.01 18.40 6.83
N ASN B 113 -17.90 19.42 5.97
CA ASN B 113 -18.96 19.71 5.02
C ASN B 113 -19.18 18.56 4.03
N VAL B 114 -18.18 17.69 3.85
CA VAL B 114 -18.34 16.57 2.93
C VAL B 114 -19.51 15.68 3.36
N ARG B 115 -19.54 15.33 4.64
CA ARG B 115 -20.66 14.54 5.16
C ARG B 115 -21.96 15.33 5.08
N ALA B 116 -21.91 16.62 5.45
CA ALA B 116 -23.13 17.41 5.52
C ALA B 116 -23.66 17.74 4.14
N LYS B 117 -22.78 18.15 3.22
CA LYS B 117 -23.20 18.70 1.93
C LYS B 117 -22.83 17.81 0.75
N TRP B 118 -21.55 17.49 0.58
CA TRP B 118 -21.10 16.93 -0.69
C TRP B 118 -21.51 15.45 -0.83
N TYR B 119 -21.21 14.63 0.18
CA TYR B 119 -21.55 13.22 0.07
C TYR B 119 -23.04 13.01 -0.19
N PRO B 120 -23.96 13.64 0.56
CA PRO B 120 -25.37 13.54 0.17
C PRO B 120 -25.67 14.17 -1.18
N GLU B 121 -25.03 15.29 -1.50
CA GLU B 121 -25.37 16.03 -2.72
C GLU B 121 -24.96 15.24 -3.97
N VAL B 122 -23.71 14.77 -4.01
CA VAL B 122 -23.24 14.05 -5.19
C VAL B 122 -24.02 12.75 -5.35
N ARG B 123 -24.24 12.02 -4.27
CA ARG B 123 -24.99 10.77 -4.35
C ARG B 123 -26.43 11.01 -4.77
N HIS B 124 -27.04 12.10 -4.29
CA HIS B 124 -28.42 12.38 -4.64
C HIS B 124 -28.59 12.56 -6.14
N HIS B 125 -27.64 13.25 -6.77
CA HIS B 125 -27.69 13.51 -8.21
C HIS B 125 -27.11 12.38 -9.03
N CYS B 126 -25.95 11.85 -8.64
CA CYS B 126 -25.28 10.79 -9.38
C CYS B 126 -24.64 9.82 -8.40
N PRO B 127 -25.40 8.82 -7.92
CA PRO B 127 -24.84 7.88 -6.93
C PRO B 127 -24.08 6.72 -7.56
N ASN B 128 -24.42 6.37 -8.80
CA ASN B 128 -23.88 5.16 -9.40
C ASN B 128 -22.39 5.28 -9.68
N THR B 129 -21.95 6.41 -10.26
CA THR B 129 -20.61 6.50 -10.79
C THR B 129 -19.57 6.47 -9.64
N PRO B 130 -18.35 6.02 -9.95
CA PRO B 130 -17.33 5.94 -8.90
C PRO B 130 -16.94 7.31 -8.35
N ILE B 131 -16.54 7.33 -7.09
CA ILE B 131 -16.21 8.55 -6.37
C ILE B 131 -14.79 8.44 -5.82
N ILE B 132 -14.01 9.50 -6.00
CA ILE B 132 -12.63 9.57 -5.55
C ILE B 132 -12.47 10.77 -4.63
N LEU B 133 -11.89 10.54 -3.44
CA LEU B 133 -11.62 11.59 -2.49
C LEU B 133 -10.18 12.07 -2.67
N VAL B 134 -10.00 13.39 -2.79
CA VAL B 134 -8.70 14.00 -3.01
C VAL B 134 -8.53 15.16 -2.04
N GLY B 135 -7.35 15.25 -1.42
CA GLY B 135 -7.02 16.33 -0.51
C GLY B 135 -5.97 17.25 -1.11
N THR B 136 -6.28 18.54 -1.11
CA THR B 136 -5.40 19.57 -1.64
C THR B 136 -4.86 20.43 -0.51
N LYS B 137 -4.12 21.48 -0.89
CA LYS B 137 -3.42 22.34 0.06
C LYS B 137 -2.36 21.56 0.83
N LEU B 138 -1.82 20.51 0.22
CA LEU B 138 -0.75 19.74 0.84
C LEU B 138 0.49 20.60 1.08
N ASP B 139 0.69 21.65 0.28
CA ASP B 139 1.82 22.53 0.50
C ASP B 139 1.68 23.29 1.81
N LEU B 140 0.51 23.91 2.04
CA LEU B 140 0.25 24.50 3.34
C LEU B 140 0.27 23.44 4.44
N ARG B 141 -0.07 22.20 4.10
CA ARG B 141 -0.03 21.13 5.09
C ARG B 141 1.41 20.82 5.51
N ASP B 142 2.36 20.97 4.59
CA ASP B 142 3.77 20.75 4.89
C ASP B 142 4.45 21.97 5.49
N ASP B 143 3.98 23.17 5.17
CA ASP B 143 4.61 24.38 5.68
C ASP B 143 4.58 24.39 7.20
N LYS B 144 5.74 24.71 7.80
CA LYS B 144 5.82 24.75 9.26
C LYS B 144 5.11 25.96 9.83
N ASP B 145 5.17 27.10 9.12
CA ASP B 145 4.49 28.30 9.61
C ASP B 145 2.98 28.09 9.68
N THR B 146 2.43 27.25 8.80
CA THR B 146 0.99 27.03 8.80
C THR B 146 0.53 26.38 10.10
N ILE B 147 1.26 25.36 10.57
CA ILE B 147 0.87 24.70 11.82
C ILE B 147 1.09 25.63 13.00
N GLU B 148 2.05 26.55 12.91
CA GLU B 148 2.29 27.49 14.00
C GLU B 148 1.06 28.36 14.24
N LYS B 149 0.54 28.98 13.17
CA LYS B 149 -0.66 29.79 13.32
C LYS B 149 -1.87 28.95 13.68
N LEU B 150 -1.96 27.73 13.15
CA LEU B 150 -3.02 26.82 13.57
C LEU B 150 -2.90 26.47 15.05
N LYS B 151 -1.67 26.25 15.52
CA LYS B 151 -1.47 25.93 16.94
C LYS B 151 -1.94 27.07 17.83
N GLU B 152 -1.62 28.31 17.46
CA GLU B 152 -2.09 29.46 18.24
C GLU B 152 -3.60 29.54 18.22
N LYS B 153 -4.22 29.23 17.08
CA LYS B 153 -5.66 29.17 16.97
C LYS B 153 -6.25 27.90 17.58
N LYS B 154 -5.40 26.99 18.08
CA LYS B 154 -5.85 25.74 18.70
C LYS B 154 -6.56 24.87 17.67
N LEU B 155 -5.91 24.68 16.52
CA LEU B 155 -6.41 23.84 15.44
C LEU B 155 -5.31 22.88 15.01
N THR B 156 -5.74 21.71 14.54
CA THR B 156 -4.81 20.68 14.08
C THR B 156 -5.17 20.27 12.66
N PRO B 157 -4.17 20.02 11.79
CA PRO B 157 -4.49 19.64 10.42
C PRO B 157 -5.19 18.28 10.34
N ILE B 158 -5.90 18.08 9.23
CA ILE B 158 -6.54 16.79 8.97
C ILE B 158 -5.47 15.75 8.67
N THR B 159 -5.76 14.50 9.02
CA THR B 159 -4.79 13.42 8.96
C THR B 159 -5.21 12.37 7.93
N TYR B 160 -4.27 11.45 7.63
CA TYR B 160 -4.49 10.48 6.56
C TYR B 160 -5.39 9.35 7.00
N PRO B 161 -5.10 8.60 8.08
CA PRO B 161 -5.82 7.35 8.30
C PRO B 161 -7.34 7.51 8.40
N GLN B 162 -7.81 8.57 9.04
CA GLN B 162 -9.25 8.78 9.12
C GLN B 162 -9.80 9.29 7.79
N GLY B 163 -8.99 9.98 7.00
CA GLY B 163 -9.44 10.42 5.69
C GLY B 163 -9.81 9.25 4.79
N LEU B 164 -9.03 8.17 4.86
CA LEU B 164 -9.40 6.95 4.15
C LEU B 164 -10.71 6.39 4.71
N ALA B 165 -10.90 6.48 6.03
CA ALA B 165 -12.17 6.07 6.62
C ALA B 165 -13.31 6.93 6.09
N MET B 166 -13.07 8.24 5.93
CA MET B 166 -14.08 9.09 5.30
C MET B 166 -14.40 8.61 3.89
N ALA B 167 -13.37 8.24 3.12
CA ALA B 167 -13.60 7.74 1.77
C ALA B 167 -14.50 6.51 1.80
N LYS B 168 -14.25 5.58 2.74
CA LYS B 168 -15.13 4.43 2.88
C LYS B 168 -16.54 4.88 3.26
N GLU B 169 -16.64 5.80 4.22
CA GLU B 169 -17.95 6.23 4.70
C GLU B 169 -18.78 6.86 3.58
N ILE B 170 -18.15 7.70 2.75
CA ILE B 170 -18.84 8.29 1.61
C ILE B 170 -18.86 7.38 0.40
N GLY B 171 -18.33 6.17 0.51
CA GLY B 171 -18.31 5.24 -0.61
C GLY B 171 -17.28 5.54 -1.67
N ALA B 172 -16.34 6.44 -1.40
CA ALA B 172 -15.31 6.76 -2.39
C ALA B 172 -14.40 5.57 -2.62
N VAL B 173 -14.08 5.32 -3.89
CA VAL B 173 -13.26 4.14 -4.23
C VAL B 173 -11.85 4.29 -3.65
N LYS B 174 -11.27 5.48 -3.75
CA LYS B 174 -9.87 5.68 -3.36
C LYS B 174 -9.71 7.06 -2.73
N TYR B 175 -8.65 7.20 -1.94
CA TYR B 175 -8.31 8.45 -1.27
C TYR B 175 -6.87 8.81 -1.60
N LEU B 176 -6.64 10.06 -2.00
CA LEU B 176 -5.31 10.51 -2.39
C LEU B 176 -5.05 11.90 -1.82
N GLU B 177 -3.76 12.24 -1.75
CA GLU B 177 -3.29 13.53 -1.25
C GLU B 177 -2.29 14.10 -2.25
N CYS B 178 -2.37 15.40 -2.49
CA CYS B 178 -1.60 16.00 -3.58
C CYS B 178 -1.31 17.46 -3.29
N SER B 179 -0.33 17.99 -4.00
CA SER B 179 0.06 19.39 -3.96
C SER B 179 -0.14 20.02 -5.33
N ALA B 180 -0.27 21.35 -5.34
CA ALA B 180 -0.38 22.12 -6.58
C ALA B 180 0.80 23.03 -6.83
N LEU B 181 1.44 23.53 -5.78
CA LEU B 181 2.62 24.38 -5.92
C LEU B 181 3.87 23.55 -6.19
N THR B 182 4.20 22.65 -5.28
CA THR B 182 5.38 21.79 -5.42
C THR B 182 5.06 20.50 -6.15
N GLN B 183 3.78 20.23 -6.47
CA GLN B 183 3.38 19.11 -7.32
C GLN B 183 3.71 17.76 -6.70
N ARG B 184 3.88 17.69 -5.39
CA ARG B 184 4.11 16.40 -4.74
C ARG B 184 2.87 15.54 -4.85
N GLY B 185 2.98 14.43 -5.57
CA GLY B 185 1.88 13.50 -5.71
C GLY B 185 0.76 13.96 -6.62
N LEU B 186 0.95 15.04 -7.36
CA LEU B 186 -0.09 15.53 -8.25
C LEU B 186 -0.42 14.52 -9.33
N LYS B 187 0.61 13.92 -9.94
CA LYS B 187 0.41 13.09 -11.12
C LYS B 187 -0.37 11.82 -10.77
N THR B 188 -0.16 11.30 -9.56
CA THR B 188 -0.88 10.09 -9.13
C THR B 188 -2.39 10.32 -9.09
N VAL B 189 -2.82 11.55 -8.81
CA VAL B 189 -4.25 11.81 -8.65
C VAL B 189 -5.02 11.40 -9.90
N PHE B 190 -4.53 11.84 -11.07
CA PHE B 190 -5.22 11.54 -12.32
C PHE B 190 -4.93 10.13 -12.81
N ASP B 191 -3.82 9.51 -12.39
CA ASP B 191 -3.55 8.12 -12.78
C ASP B 191 -4.51 7.17 -12.09
N GLU B 192 -4.73 7.35 -10.79
CA GLU B 192 -5.70 6.52 -10.08
C GLU B 192 -7.12 6.78 -10.60
N ALA B 193 -7.43 8.04 -10.93
CA ALA B 193 -8.75 8.35 -11.47
C ALA B 193 -9.00 7.60 -12.77
N ILE B 194 -8.04 7.65 -13.70
CA ILE B 194 -8.20 6.95 -14.97
C ILE B 194 -8.13 5.44 -14.76
N ARG B 195 -7.23 4.98 -13.88
CA ARG B 195 -7.17 3.56 -13.58
C ARG B 195 -8.45 3.06 -12.91
N ALA B 196 -8.96 3.84 -11.95
CA ALA B 196 -10.16 3.41 -11.23
C ALA B 196 -11.35 3.27 -12.17
N VAL B 197 -11.55 4.25 -13.05
CA VAL B 197 -12.70 4.22 -13.94
C VAL B 197 -12.58 3.09 -14.95
N LEU B 198 -11.40 2.89 -15.52
CA LEU B 198 -11.20 1.80 -16.47
C LEU B 198 -11.40 0.45 -15.78
N CYS B 199 -10.87 0.29 -14.57
CA CYS B 199 -11.00 -0.95 -13.83
C CYS B 199 -11.06 -0.69 -12.33
#